data_1D97
# 
_entry.id   1D97 
# 
_audit_conform.dict_name       mmcif_pdbx.dic 
_audit_conform.dict_version    5.385 
_audit_conform.dict_location   http://mmcif.pdb.org/dictionaries/ascii/mmcif_pdbx.dic 
# 
loop_
_database_2.database_id 
_database_2.database_code 
_database_2.pdbx_database_accession 
_database_2.pdbx_DOI 
PDB   1D97         pdb_00001d97 10.2210/pdb1d97/pdb 
RCSB  BDFP24       ?            ?                   
WWPDB D_1000172692 ?            ?                   
# 
loop_
_pdbx_audit_revision_history.ordinal 
_pdbx_audit_revision_history.data_content_type 
_pdbx_audit_revision_history.major_revision 
_pdbx_audit_revision_history.minor_revision 
_pdbx_audit_revision_history.revision_date 
1 'Structure model' 1 0 1993-07-15 
2 'Structure model' 1 1 2008-05-22 
3 'Structure model' 1 2 2011-07-13 
4 'Structure model' 1 3 2024-02-07 
# 
_pdbx_audit_revision_details.ordinal             1 
_pdbx_audit_revision_details.revision_ordinal    1 
_pdbx_audit_revision_details.data_content_type   'Structure model' 
_pdbx_audit_revision_details.provider            repository 
_pdbx_audit_revision_details.type                'Initial release' 
_pdbx_audit_revision_details.description         ? 
_pdbx_audit_revision_details.details             ? 
# 
loop_
_pdbx_audit_revision_group.ordinal 
_pdbx_audit_revision_group.revision_ordinal 
_pdbx_audit_revision_group.data_content_type 
_pdbx_audit_revision_group.group 
1 2 'Structure model' 'Version format compliance' 
2 3 'Structure model' 'Version format compliance' 
3 4 'Structure model' 'Data collection'           
4 4 'Structure model' 'Database references'       
5 4 'Structure model' 'Derived calculations'      
# 
loop_
_pdbx_audit_revision_category.ordinal 
_pdbx_audit_revision_category.revision_ordinal 
_pdbx_audit_revision_category.data_content_type 
_pdbx_audit_revision_category.category 
1 4 'Structure model' chem_comp_atom 
2 4 'Structure model' chem_comp_bond 
3 4 'Structure model' database_2     
4 4 'Structure model' struct_conn    
# 
loop_
_pdbx_audit_revision_item.ordinal 
_pdbx_audit_revision_item.revision_ordinal 
_pdbx_audit_revision_item.data_content_type 
_pdbx_audit_revision_item.item 
1 4 'Structure model' '_database_2.pdbx_DOI'                
2 4 'Structure model' '_database_2.pdbx_database_accession' 
3 4 'Structure model' '_struct_conn.pdbx_leaving_atom_flag' 
# 
_pdbx_database_status.status_code                     REL 
_pdbx_database_status.entry_id                        1D97 
_pdbx_database_status.recvd_initial_deposition_date   1992-10-17 
_pdbx_database_status.deposit_site                    BNL 
_pdbx_database_status.process_site                    NDB 
_pdbx_database_status.SG_entry                        . 
_pdbx_database_status.pdb_format_compatible           Y 
_pdbx_database_status.status_code_mr                  ? 
_pdbx_database_status.status_code_sf                  ? 
_pdbx_database_status.status_code_cs                  ? 
_pdbx_database_status.status_code_nmr_data            ? 
_pdbx_database_status.methods_development_category    ? 
# 
loop_
_audit_author.name 
_audit_author.pdbx_ordinal 
'Cruse, W.B.T.'   1 
'Salisbury, S.A.' 2 
'Brown, T.'       3 
'Cosstick, R.'    4 
'Eckstein, F.'    5 
'Kennard, O.'     6 
# 
_citation.id                        primary 
_citation.title                     
'Chiral phosphorothioate analogues of B-DNA. The crystal structure of Rp-d[Gp(S)CpGp(S)CpGp(S)C].' 
_citation.journal_abbrev            J.Mol.Biol. 
_citation.journal_volume            192 
_citation.page_first                891 
_citation.page_last                 905 
_citation.year                      1986 
_citation.journal_id_ASTM           JMOBAK 
_citation.country                   UK 
_citation.journal_id_ISSN           0022-2836 
_citation.journal_id_CSD            0070 
_citation.book_publisher            ? 
_citation.pdbx_database_id_PubMed   3108513 
_citation.pdbx_database_id_DOI      '10.1016/0022-2836(86)90035-5' 
# 
loop_
_citation_author.citation_id 
_citation_author.name 
_citation_author.ordinal 
_citation_author.identifier_ORCID 
primary 'Cruse, W.B.'     1 ? 
primary 'Salisbury, S.A.' 2 ? 
primary 'Brown, T.'       3 ? 
primary 'Cosstick, R.'    4 ? 
primary 'Eckstein, F.'    5 ? 
primary 'Kennard, O.'     6 ? 
# 
loop_
_entity.id 
_entity.type 
_entity.src_method 
_entity.pdbx_description 
_entity.formula_weight 
_entity.pdbx_number_of_molecules 
_entity.pdbx_ec 
_entity.pdbx_mutation 
_entity.pdbx_fragment 
_entity.details 
1 polymer syn 
;DNA (5'-D(RP*GP*(SC)P*GP*(SC)P*GP*(SC))-3')
;
1858.403 2  ? ? ? ? 
2 water   nat water                                         18.015   72 ? ? ? ? 
# 
_entity_poly.entity_id                      1 
_entity_poly.type                           polydeoxyribonucleotide 
_entity_poly.nstd_linkage                   no 
_entity_poly.nstd_monomer                   yes 
_entity_poly.pdbx_seq_one_letter_code       '(DG)(SC)(DG)(SC)(DG)(SC)' 
_entity_poly.pdbx_seq_one_letter_code_can   GCGCGC 
_entity_poly.pdbx_strand_id                 A,B 
_entity_poly.pdbx_target_identifier         ? 
# 
_pdbx_entity_nonpoly.entity_id   2 
_pdbx_entity_nonpoly.name        water 
_pdbx_entity_nonpoly.comp_id     HOH 
# 
loop_
_entity_poly_seq.entity_id 
_entity_poly_seq.num 
_entity_poly_seq.mon_id 
_entity_poly_seq.hetero 
1 1 DG n 
1 2 SC n 
1 3 DG n 
1 4 SC n 
1 5 DG n 
1 6 SC n 
# 
loop_
_chem_comp.id 
_chem_comp.type 
_chem_comp.mon_nstd_flag 
_chem_comp.name 
_chem_comp.pdbx_synonyms 
_chem_comp.formula 
_chem_comp.formula_weight 
DG  'DNA linking' y "2'-DEOXYGUANOSINE-5'-MONOPHOSPHATE"  ? 'C10 H14 N5 O7 P'  347.221 
HOH non-polymer   . WATER                                 ? 'H2 O'             18.015  
SC  'DNA linking' n "2-DEOXY-CYTIDINE-5'-THIOPHOSPHORATE" ? 'C9 H14 N3 O6 P S' 323.263 
# 
loop_
_pdbx_poly_seq_scheme.asym_id 
_pdbx_poly_seq_scheme.entity_id 
_pdbx_poly_seq_scheme.seq_id 
_pdbx_poly_seq_scheme.mon_id 
_pdbx_poly_seq_scheme.ndb_seq_num 
_pdbx_poly_seq_scheme.pdb_seq_num 
_pdbx_poly_seq_scheme.auth_seq_num 
_pdbx_poly_seq_scheme.pdb_mon_id 
_pdbx_poly_seq_scheme.auth_mon_id 
_pdbx_poly_seq_scheme.pdb_strand_id 
_pdbx_poly_seq_scheme.pdb_ins_code 
_pdbx_poly_seq_scheme.hetero 
A 1 1 DG 1 1  1  DG G  A . n 
A 1 2 SC 2 2  2  SC +C A . n 
A 1 3 DG 3 3  3  DG G  A . n 
A 1 4 SC 4 4  4  SC +C A . n 
A 1 5 DG 5 5  5  DG G  A . n 
A 1 6 SC 6 6  6  SC +C A . n 
B 1 1 DG 1 7  7  DG G  B . n 
B 1 2 SC 2 8  8  SC +C B . n 
B 1 3 DG 3 9  9  DG G  B . n 
B 1 4 SC 4 10 10 SC +C B . n 
B 1 5 DG 5 11 11 DG G  B . n 
B 1 6 SC 6 12 12 SC +C B . n 
# 
loop_
_pdbx_nonpoly_scheme.asym_id 
_pdbx_nonpoly_scheme.entity_id 
_pdbx_nonpoly_scheme.mon_id 
_pdbx_nonpoly_scheme.ndb_seq_num 
_pdbx_nonpoly_scheme.pdb_seq_num 
_pdbx_nonpoly_scheme.auth_seq_num 
_pdbx_nonpoly_scheme.pdb_mon_id 
_pdbx_nonpoly_scheme.auth_mon_id 
_pdbx_nonpoly_scheme.pdb_strand_id 
_pdbx_nonpoly_scheme.pdb_ins_code 
C 2 HOH 1  13 13 HOH HOH A . 
C 2 HOH 2  14 14 HOH HOH A . 
C 2 HOH 3  15 15 HOH HOH A . 
C 2 HOH 4  17 17 HOH HOH A . 
C 2 HOH 5  21 21 HOH HOH A . 
C 2 HOH 6  25 25 HOH HOH A . 
C 2 HOH 7  27 27 HOH HOH A . 
C 2 HOH 8  29 29 HOH HOH A . 
C 2 HOH 9  30 30 HOH HOH A . 
C 2 HOH 10 34 34 HOH HOH A . 
C 2 HOH 11 35 35 HOH HOH A . 
C 2 HOH 12 37 37 HOH HOH A . 
C 2 HOH 13 38 38 HOH HOH A . 
C 2 HOH 14 41 41 HOH HOH A . 
C 2 HOH 15 43 43 HOH HOH A . 
C 2 HOH 16 44 44 HOH HOH A . 
C 2 HOH 17 45 45 HOH HOH A . 
C 2 HOH 18 46 46 HOH HOH A . 
C 2 HOH 19 47 47 HOH HOH A . 
C 2 HOH 20 58 58 HOH HOH A . 
C 2 HOH 21 59 59 HOH HOH A . 
C 2 HOH 22 65 65 HOH HOH A . 
C 2 HOH 23 67 67 HOH HOH A . 
C 2 HOH 24 68 68 HOH HOH A . 
C 2 HOH 25 71 71 HOH HOH A . 
C 2 HOH 26 73 73 HOH HOH A . 
C 2 HOH 27 74 74 HOH HOH A . 
C 2 HOH 28 76 76 HOH HOH A . 
C 2 HOH 29 78 78 HOH HOH A . 
C 2 HOH 30 79 79 HOH HOH A . 
C 2 HOH 31 80 80 HOH HOH A . 
C 2 HOH 32 81 81 HOH HOH A . 
C 2 HOH 33 84 84 HOH HOH A . 
D 2 HOH 1  16 16 HOH HOH B . 
D 2 HOH 2  18 18 HOH HOH B . 
D 2 HOH 3  19 19 HOH HOH B . 
D 2 HOH 4  20 20 HOH HOH B . 
D 2 HOH 5  22 22 HOH HOH B . 
D 2 HOH 6  23 23 HOH HOH B . 
D 2 HOH 7  24 24 HOH HOH B . 
D 2 HOH 8  26 26 HOH HOH B . 
D 2 HOH 9  28 28 HOH HOH B . 
D 2 HOH 10 31 31 HOH HOH B . 
D 2 HOH 11 32 32 HOH HOH B . 
D 2 HOH 12 33 33 HOH HOH B . 
D 2 HOH 13 36 36 HOH HOH B . 
D 2 HOH 14 39 39 HOH HOH B . 
D 2 HOH 15 40 40 HOH HOH B . 
D 2 HOH 16 42 42 HOH HOH B . 
D 2 HOH 17 48 48 HOH HOH B . 
D 2 HOH 18 49 49 HOH HOH B . 
D 2 HOH 19 50 50 HOH HOH B . 
D 2 HOH 20 51 51 HOH HOH B . 
D 2 HOH 21 52 52 HOH HOH B . 
D 2 HOH 22 53 53 HOH HOH B . 
D 2 HOH 23 54 54 HOH HOH B . 
D 2 HOH 24 55 55 HOH HOH B . 
D 2 HOH 25 56 56 HOH HOH B . 
D 2 HOH 26 57 57 HOH HOH B . 
D 2 HOH 27 60 60 HOH HOH B . 
D 2 HOH 28 61 61 HOH HOH B . 
D 2 HOH 29 62 62 HOH HOH B . 
D 2 HOH 30 63 63 HOH HOH B . 
D 2 HOH 31 64 64 HOH HOH B . 
D 2 HOH 32 66 66 HOH HOH B . 
D 2 HOH 33 69 69 HOH HOH B . 
D 2 HOH 34 70 70 HOH HOH B . 
D 2 HOH 35 72 72 HOH HOH B . 
D 2 HOH 36 75 75 HOH HOH B . 
D 2 HOH 37 77 77 HOH HOH B . 
D 2 HOH 38 82 82 HOH HOH B . 
D 2 HOH 39 83 83 HOH HOH B . 
# 
_software.name             NUCLSQ 
_software.classification   refinement 
_software.version          . 
_software.citation_id      ? 
_software.pdbx_ordinal     1 
# 
_cell.entry_id           1D97 
_cell.length_a           34.900 
_cell.length_b           39.150 
_cell.length_c           20.640 
_cell.angle_alpha        90.00 
_cell.angle_beta         90.00 
_cell.angle_gamma        90.00 
_cell.Z_PDB              8 
_cell.pdbx_unique_axis   ? 
# 
_symmetry.entry_id                         1D97 
_symmetry.space_group_name_H-M             'P 21 21 21' 
_symmetry.pdbx_full_space_group_name_H-M   ? 
_symmetry.cell_setting                     ? 
_symmetry.Int_Tables_number                19 
# 
_exptl.entry_id          1D97 
_exptl.method            'X-RAY DIFFRACTION' 
_exptl.crystals_number   ? 
# 
_exptl_crystal.id                    1 
_exptl_crystal.density_meas          ? 
_exptl_crystal.density_Matthews      1.90 
_exptl_crystal.density_percent_sol   35.16 
_exptl_crystal.description           ? 
# 
_exptl_crystal_grow.crystal_id      1 
_exptl_crystal_grow.method          'VAPOR DIFFUSION' 
_exptl_crystal_grow.temp            287.00 
_exptl_crystal_grow.temp_details    ? 
_exptl_crystal_grow.pH              ? 
_exptl_crystal_grow.pdbx_details    'VAPOR DIFFUSION, temperature 287.00K' 
_exptl_crystal_grow.pdbx_pH_range   ? 
# 
loop_
_exptl_crystal_grow_comp.crystal_id 
_exptl_crystal_grow_comp.id 
_exptl_crystal_grow_comp.sol_id 
_exptl_crystal_grow_comp.name 
_exptl_crystal_grow_comp.volume 
_exptl_crystal_grow_comp.conc 
_exptl_crystal_grow_comp.details 
1 1 1 WATER           ? ? ? 
1 2 1 ISOPROPANOL     ? ? ? 
1 3 1 'NA CACODYLATE' ? ? ? 
1 4 1 MGCL2           ? ? ? 
1 5 1 SPERMINE_HCL    ? ? ? 
# 
_diffrn.id                     1 
_diffrn.ambient_temp           291.00 
_diffrn.ambient_temp_details   ? 
_diffrn.crystal_id             1 
# 
_diffrn_detector.diffrn_id              1 
_diffrn_detector.detector               DIFFRACTOMETER 
_diffrn_detector.type                   'SYNTEX P21' 
_diffrn_detector.pdbx_collection_date   ? 
_diffrn_detector.details                ? 
# 
_diffrn_radiation.diffrn_id                        1 
_diffrn_radiation.wavelength_id                    1 
_diffrn_radiation.pdbx_monochromatic_or_laue_m_l   ? 
_diffrn_radiation.monochromator                    ? 
_diffrn_radiation.pdbx_diffrn_protocol             ? 
_diffrn_radiation.pdbx_scattering_type             x-ray 
# 
_diffrn_radiation_wavelength.id           1 
_diffrn_radiation_wavelength.wavelength   . 
_diffrn_radiation_wavelength.wt           1.0 
# 
_diffrn_source.diffrn_id                   1 
_diffrn_source.source                      ? 
_diffrn_source.type                        ? 
_diffrn_source.pdbx_synchrotron_site       ? 
_diffrn_source.pdbx_synchrotron_beamline   ? 
_diffrn_source.pdbx_wavelength             ? 
_diffrn_source.pdbx_wavelength_list        ? 
# 
_reflns.entry_id                     1D97 
_reflns.observed_criterion_sigma_I   ? 
_reflns.observed_criterion_sigma_F   ? 
_reflns.d_resolution_low             25.000 
_reflns.d_resolution_high            2.170 
_reflns.number_obs                   1954 
_reflns.number_all                   ? 
_reflns.percent_possible_obs         ? 
_reflns.pdbx_Rmerge_I_obs            ? 
_reflns.pdbx_Rsym_value              ? 
_reflns.pdbx_netI_over_sigmaI        ? 
_reflns.B_iso_Wilson_estimate        ? 
_reflns.pdbx_redundancy              ? 
_reflns.pdbx_diffrn_id               1 
_reflns.pdbx_ordinal                 1 
# 
_refine.entry_id                                 1D97 
_refine.ls_number_reflns_obs                     1327 
_refine.ls_number_reflns_all                     ? 
_refine.pdbx_ls_sigma_I                          ? 
_refine.pdbx_ls_sigma_F                          2.000 
_refine.pdbx_data_cutoff_high_absF               ? 
_refine.pdbx_data_cutoff_low_absF                ? 
_refine.pdbx_data_cutoff_high_rms_absF           ? 
_refine.ls_d_res_low                             8.000 
_refine.ls_d_res_high                            2.170 
_refine.ls_percent_reflns_obs                    ? 
_refine.ls_R_factor_obs                          0.145 
_refine.ls_R_factor_all                          ? 
_refine.ls_R_factor_R_work                       ? 
_refine.ls_R_factor_R_free                       ? 
_refine.ls_R_factor_R_free_error                 ? 
_refine.ls_R_factor_R_free_error_details         ? 
_refine.ls_percent_reflns_R_free                 ? 
_refine.ls_number_reflns_R_free                  ? 
_refine.ls_number_parameters                     ? 
_refine.ls_number_restraints                     ? 
_refine.occupancy_min                            ? 
_refine.occupancy_max                            ? 
_refine.B_iso_mean                               ? 
_refine.aniso_B[1][1]                            ? 
_refine.aniso_B[2][2]                            ? 
_refine.aniso_B[3][3]                            ? 
_refine.aniso_B[1][2]                            ? 
_refine.aniso_B[1][3]                            ? 
_refine.aniso_B[2][3]                            ? 
_refine.solvent_model_details                    ? 
_refine.solvent_model_param_ksol                 ? 
_refine.solvent_model_param_bsol                 ? 
_refine.pdbx_ls_cross_valid_method               ? 
_refine.details                                  ? 
_refine.pdbx_starting_model                      ? 
_refine.pdbx_method_to_determine_struct          ? 
_refine.pdbx_isotropic_thermal_model             ? 
_refine.pdbx_stereochemistry_target_values       ? 
_refine.pdbx_stereochem_target_val_spec_case     ? 
_refine.pdbx_R_Free_selection_details            ? 
_refine.pdbx_overall_ESU_R                       ? 
_refine.pdbx_overall_ESU_R_Free                  ? 
_refine.overall_SU_ML                            ? 
_refine.overall_SU_B                             ? 
_refine.pdbx_refine_id                           'X-RAY DIFFRACTION' 
_refine.pdbx_diffrn_id                           1 
_refine.pdbx_TLS_residual_ADP_flag               ? 
_refine.correlation_coeff_Fo_to_Fc               ? 
_refine.correlation_coeff_Fo_to_Fc_free          ? 
_refine.pdbx_solvent_vdw_probe_radii             ? 
_refine.pdbx_solvent_ion_probe_radii             ? 
_refine.pdbx_solvent_shrinkage_radii             ? 
_refine.pdbx_overall_phase_error                 ? 
_refine.overall_SU_R_Cruickshank_DPI             ? 
_refine.pdbx_overall_SU_R_free_Cruickshank_DPI   ? 
_refine.pdbx_overall_SU_R_Blow_DPI               ? 
_refine.pdbx_overall_SU_R_free_Blow_DPI          ? 
# 
_refine_hist.pdbx_refine_id                   'X-RAY DIFFRACTION' 
_refine_hist.cycle_id                         LAST 
_refine_hist.pdbx_number_atoms_protein        0 
_refine_hist.pdbx_number_atoms_nucleic_acid   234 
_refine_hist.pdbx_number_atoms_ligand         6 
_refine_hist.number_atoms_solvent             72 
_refine_hist.number_atoms_total               312 
_refine_hist.d_res_high                       2.170 
_refine_hist.d_res_low                        8.000 
# 
_struct.entry_id                  1D97 
_struct.title                     
'CHIRAL PHOSPHOROTHIOATE ANALOGUES OF B-DNA: THE CRYSTAL STRUCTURE OF RP-D(GP(S) CPGP(S)CPGP(S)C)' 
_struct.pdbx_model_details        ? 
_struct.pdbx_CASP_flag            ? 
_struct.pdbx_model_type_details   ? 
# 
_struct_keywords.entry_id        1D97 
_struct_keywords.pdbx_keywords   DNA 
_struct_keywords.text            'B-DNA, DOUBLE HELIX, MODIFIED, DNA' 
# 
loop_
_struct_asym.id 
_struct_asym.pdbx_blank_PDB_chainid_flag 
_struct_asym.pdbx_modified 
_struct_asym.entity_id 
_struct_asym.details 
A N N 1 ? 
B N N 1 ? 
C N N 2 ? 
D N N 2 ? 
# 
_struct_ref.id                         1 
_struct_ref.entity_id                  1 
_struct_ref.db_name                    PDB 
_struct_ref.db_code                    1D97 
_struct_ref.pdbx_db_accession          1D97 
_struct_ref.pdbx_db_isoform            ? 
_struct_ref.pdbx_seq_one_letter_code   ? 
_struct_ref.pdbx_align_begin           ? 
# 
loop_
_struct_ref_seq.align_id 
_struct_ref_seq.ref_id 
_struct_ref_seq.pdbx_PDB_id_code 
_struct_ref_seq.pdbx_strand_id 
_struct_ref_seq.seq_align_beg 
_struct_ref_seq.pdbx_seq_align_beg_ins_code 
_struct_ref_seq.seq_align_end 
_struct_ref_seq.pdbx_seq_align_end_ins_code 
_struct_ref_seq.pdbx_db_accession 
_struct_ref_seq.db_align_beg 
_struct_ref_seq.pdbx_db_align_beg_ins_code 
_struct_ref_seq.db_align_end 
_struct_ref_seq.pdbx_db_align_end_ins_code 
_struct_ref_seq.pdbx_auth_seq_align_beg 
_struct_ref_seq.pdbx_auth_seq_align_end 
1 1 1D97 A 1 ? 6 ? 1D97 1 ? 6  ? 1 6  
2 1 1D97 B 1 ? 6 ? 1D97 7 ? 12 ? 7 12 
# 
_pdbx_struct_assembly.id                   1 
_pdbx_struct_assembly.details              author_defined_assembly 
_pdbx_struct_assembly.method_details       ? 
_pdbx_struct_assembly.oligomeric_details   dimeric 
_pdbx_struct_assembly.oligomeric_count     2 
# 
_pdbx_struct_assembly_gen.assembly_id       1 
_pdbx_struct_assembly_gen.oper_expression   1 
_pdbx_struct_assembly_gen.asym_id_list      A,B,C,D 
# 
_pdbx_struct_oper_list.id                   1 
_pdbx_struct_oper_list.type                 'identity operation' 
_pdbx_struct_oper_list.name                 1_555 
_pdbx_struct_oper_list.symmetry_operation   x,y,z 
_pdbx_struct_oper_list.matrix[1][1]         1.0000000000 
_pdbx_struct_oper_list.matrix[1][2]         0.0000000000 
_pdbx_struct_oper_list.matrix[1][3]         0.0000000000 
_pdbx_struct_oper_list.vector[1]            0.0000000000 
_pdbx_struct_oper_list.matrix[2][1]         0.0000000000 
_pdbx_struct_oper_list.matrix[2][2]         1.0000000000 
_pdbx_struct_oper_list.matrix[2][3]         0.0000000000 
_pdbx_struct_oper_list.vector[2]            0.0000000000 
_pdbx_struct_oper_list.matrix[3][1]         0.0000000000 
_pdbx_struct_oper_list.matrix[3][2]         0.0000000000 
_pdbx_struct_oper_list.matrix[3][3]         1.0000000000 
_pdbx_struct_oper_list.vector[3]            0.0000000000 
# 
_struct_biol.id   1 
# 
loop_
_struct_conn.id 
_struct_conn.conn_type_id 
_struct_conn.pdbx_leaving_atom_flag 
_struct_conn.pdbx_PDB_id 
_struct_conn.ptnr1_label_asym_id 
_struct_conn.ptnr1_label_comp_id 
_struct_conn.ptnr1_label_seq_id 
_struct_conn.ptnr1_label_atom_id 
_struct_conn.pdbx_ptnr1_label_alt_id 
_struct_conn.pdbx_ptnr1_PDB_ins_code 
_struct_conn.pdbx_ptnr1_standard_comp_id 
_struct_conn.ptnr1_symmetry 
_struct_conn.ptnr2_label_asym_id 
_struct_conn.ptnr2_label_comp_id 
_struct_conn.ptnr2_label_seq_id 
_struct_conn.ptnr2_label_atom_id 
_struct_conn.pdbx_ptnr2_label_alt_id 
_struct_conn.pdbx_ptnr2_PDB_ins_code 
_struct_conn.ptnr1_auth_asym_id 
_struct_conn.ptnr1_auth_comp_id 
_struct_conn.ptnr1_auth_seq_id 
_struct_conn.ptnr2_auth_asym_id 
_struct_conn.ptnr2_auth_comp_id 
_struct_conn.ptnr2_auth_seq_id 
_struct_conn.ptnr2_symmetry 
_struct_conn.pdbx_ptnr3_label_atom_id 
_struct_conn.pdbx_ptnr3_label_seq_id 
_struct_conn.pdbx_ptnr3_label_comp_id 
_struct_conn.pdbx_ptnr3_label_asym_id 
_struct_conn.pdbx_ptnr3_label_alt_id 
_struct_conn.pdbx_ptnr3_PDB_ins_code 
_struct_conn.details 
_struct_conn.pdbx_dist_value 
_struct_conn.pdbx_value_order 
_struct_conn.pdbx_role 
covale1  covale both ? A DG 1 "O3'" ? ? ? 1_555 A SC 2 P  ? ? A DG 1  A SC 2  1_555 ? ? ? ? ? ? ?            1.606 ? ? 
covale2  covale both ? A SC 2 "O3'" ? ? ? 1_555 A DG 3 P  ? ? A SC 2  A DG 3  1_555 ? ? ? ? ? ? ?            1.572 ? ? 
covale3  covale both ? A DG 3 "O3'" ? ? ? 1_555 A SC 4 P  ? ? A DG 3  A SC 4  1_555 ? ? ? ? ? ? ?            1.608 ? ? 
covale4  covale both ? A SC 4 "O3'" ? ? ? 1_555 A DG 5 P  ? ? A SC 4  A DG 5  1_555 ? ? ? ? ? ? ?            1.608 ? ? 
covale5  covale both ? A DG 5 "O3'" ? ? ? 1_555 A SC 6 P  ? ? A DG 5  A SC 6  1_555 ? ? ? ? ? ? ?            1.606 ? ? 
covale6  covale both ? B DG 1 "O3'" ? ? ? 1_555 B SC 2 P  ? ? B DG 7  B SC 8  1_555 ? ? ? ? ? ? ?            1.608 ? ? 
covale7  covale both ? B SC 2 "O3'" ? ? ? 1_555 B DG 3 P  ? ? B SC 8  B DG 9  1_555 ? ? ? ? ? ? ?            1.639 ? ? 
covale8  covale both ? B DG 3 "O3'" ? ? ? 1_555 B SC 4 P  ? ? B DG 9  B SC 10 1_555 ? ? ? ? ? ? ?            1.613 ? ? 
covale9  covale both ? B SC 4 "O3'" ? ? ? 1_555 B DG 5 P  ? ? B SC 10 B DG 11 1_555 ? ? ? ? ? ? ?            1.609 ? ? 
covale10 covale both ? B DG 5 "O3'" ? ? ? 1_555 B SC 6 P  ? ? B DG 11 B SC 12 1_555 ? ? ? ? ? ? ?            1.647 ? ? 
hydrog1  hydrog ?    ? A DG 1 N1    ? ? ? 1_555 B SC 6 N3 ? ? A DG 1  B SC 12 1_555 ? ? ? ? ? ? WATSON-CRICK ?     ? ? 
hydrog2  hydrog ?    ? A DG 1 N2    ? ? ? 1_555 B SC 6 O2 ? ? A DG 1  B SC 12 1_555 ? ? ? ? ? ? WATSON-CRICK ?     ? ? 
hydrog3  hydrog ?    ? A DG 1 O6    ? ? ? 1_555 B SC 6 N4 ? ? A DG 1  B SC 12 1_555 ? ? ? ? ? ? WATSON-CRICK ?     ? ? 
hydrog4  hydrog ?    ? A SC 2 N3    ? ? ? 1_555 B DG 5 N1 ? ? A SC 2  B DG 11 1_555 ? ? ? ? ? ? WATSON-CRICK ?     ? ? 
hydrog5  hydrog ?    ? A SC 2 N4    ? ? ? 1_555 B DG 5 O6 ? ? A SC 2  B DG 11 1_555 ? ? ? ? ? ? WATSON-CRICK ?     ? ? 
hydrog6  hydrog ?    ? A SC 2 O2    ? ? ? 1_555 B DG 5 N2 ? ? A SC 2  B DG 11 1_555 ? ? ? ? ? ? WATSON-CRICK ?     ? ? 
hydrog7  hydrog ?    ? A DG 3 N1    ? ? ? 1_555 B SC 4 N3 ? ? A DG 3  B SC 10 1_555 ? ? ? ? ? ? WATSON-CRICK ?     ? ? 
hydrog8  hydrog ?    ? A DG 3 N2    ? ? ? 1_555 B SC 4 O2 ? ? A DG 3  B SC 10 1_555 ? ? ? ? ? ? WATSON-CRICK ?     ? ? 
hydrog9  hydrog ?    ? A DG 3 O6    ? ? ? 1_555 B SC 4 N4 ? ? A DG 3  B SC 10 1_555 ? ? ? ? ? ? WATSON-CRICK ?     ? ? 
hydrog10 hydrog ?    ? A SC 4 N3    ? ? ? 1_555 B DG 3 N1 ? ? A SC 4  B DG 9  1_555 ? ? ? ? ? ? WATSON-CRICK ?     ? ? 
hydrog11 hydrog ?    ? A SC 4 N4    ? ? ? 1_555 B DG 3 O6 ? ? A SC 4  B DG 9  1_555 ? ? ? ? ? ? WATSON-CRICK ?     ? ? 
hydrog12 hydrog ?    ? A SC 4 O2    ? ? ? 1_555 B DG 3 N2 ? ? A SC 4  B DG 9  1_555 ? ? ? ? ? ? WATSON-CRICK ?     ? ? 
hydrog13 hydrog ?    ? A DG 5 N1    ? ? ? 1_555 B SC 2 N3 ? ? A DG 5  B SC 8  1_555 ? ? ? ? ? ? WATSON-CRICK ?     ? ? 
hydrog14 hydrog ?    ? A DG 5 N2    ? ? ? 1_555 B SC 2 O2 ? ? A DG 5  B SC 8  1_555 ? ? ? ? ? ? WATSON-CRICK ?     ? ? 
hydrog15 hydrog ?    ? A DG 5 O6    ? ? ? 1_555 B SC 2 N4 ? ? A DG 5  B SC 8  1_555 ? ? ? ? ? ? WATSON-CRICK ?     ? ? 
hydrog16 hydrog ?    ? A SC 6 N3    ? ? ? 1_555 B DG 1 N1 ? ? A SC 6  B DG 7  1_555 ? ? ? ? ? ? WATSON-CRICK ?     ? ? 
hydrog17 hydrog ?    ? A SC 6 N4    ? ? ? 1_555 B DG 1 O6 ? ? A SC 6  B DG 7  1_555 ? ? ? ? ? ? WATSON-CRICK ?     ? ? 
hydrog18 hydrog ?    ? A SC 6 O2    ? ? ? 1_555 B DG 1 N2 ? ? A SC 6  B DG 7  1_555 ? ? ? ? ? ? WATSON-CRICK ?     ? ? 
# 
loop_
_struct_conn_type.id 
_struct_conn_type.criteria 
_struct_conn_type.reference 
covale ? ? 
hydrog ? ? 
# 
loop_
_pdbx_validate_close_contact.id 
_pdbx_validate_close_contact.PDB_model_num 
_pdbx_validate_close_contact.auth_atom_id_1 
_pdbx_validate_close_contact.auth_asym_id_1 
_pdbx_validate_close_contact.auth_comp_id_1 
_pdbx_validate_close_contact.auth_seq_id_1 
_pdbx_validate_close_contact.PDB_ins_code_1 
_pdbx_validate_close_contact.label_alt_id_1 
_pdbx_validate_close_contact.auth_atom_id_2 
_pdbx_validate_close_contact.auth_asym_id_2 
_pdbx_validate_close_contact.auth_comp_id_2 
_pdbx_validate_close_contact.auth_seq_id_2 
_pdbx_validate_close_contact.PDB_ins_code_2 
_pdbx_validate_close_contact.label_alt_id_2 
_pdbx_validate_close_contact.dist 
1 1 OP2   B DG  9  ? ? O B HOH 36 ? ? 2.03 
2 1 O     A HOH 21 ? ? O A HOH 37 ? ? 2.07 
3 1 OP1   B DG  11 ? ? O B HOH 56 ? ? 2.12 
4 1 O     B HOH 53 ? ? O B HOH 57 ? ? 2.13 
5 1 O     B HOH 28 ? ? O B HOH 69 ? ? 2.13 
6 1 OP1   B SC  12 ? ? O B HOH 57 ? ? 2.19 
7 1 "O4'" B DG  7  ? ? O B HOH 75 ? ? 2.19 
# 
loop_
_pdbx_validate_symm_contact.id 
_pdbx_validate_symm_contact.PDB_model_num 
_pdbx_validate_symm_contact.auth_atom_id_1 
_pdbx_validate_symm_contact.auth_asym_id_1 
_pdbx_validate_symm_contact.auth_comp_id_1 
_pdbx_validate_symm_contact.auth_seq_id_1 
_pdbx_validate_symm_contact.PDB_ins_code_1 
_pdbx_validate_symm_contact.label_alt_id_1 
_pdbx_validate_symm_contact.site_symmetry_1 
_pdbx_validate_symm_contact.auth_atom_id_2 
_pdbx_validate_symm_contact.auth_asym_id_2 
_pdbx_validate_symm_contact.auth_comp_id_2 
_pdbx_validate_symm_contact.auth_seq_id_2 
_pdbx_validate_symm_contact.PDB_ins_code_2 
_pdbx_validate_symm_contact.label_alt_id_2 
_pdbx_validate_symm_contact.site_symmetry_2 
_pdbx_validate_symm_contact.dist 
1 1 OP1 A SC  6  ? ? 1_555 O A HOH 41 ? ? 3_555 1.92 
2 1 O   A HOH 59 ? ? 1_555 O A HOH 79 ? ? 2_454 2.00 
# 
loop_
_pdbx_validate_rmsd_angle.id 
_pdbx_validate_rmsd_angle.PDB_model_num 
_pdbx_validate_rmsd_angle.auth_atom_id_1 
_pdbx_validate_rmsd_angle.auth_asym_id_1 
_pdbx_validate_rmsd_angle.auth_comp_id_1 
_pdbx_validate_rmsd_angle.auth_seq_id_1 
_pdbx_validate_rmsd_angle.PDB_ins_code_1 
_pdbx_validate_rmsd_angle.label_alt_id_1 
_pdbx_validate_rmsd_angle.auth_atom_id_2 
_pdbx_validate_rmsd_angle.auth_asym_id_2 
_pdbx_validate_rmsd_angle.auth_comp_id_2 
_pdbx_validate_rmsd_angle.auth_seq_id_2 
_pdbx_validate_rmsd_angle.PDB_ins_code_2 
_pdbx_validate_rmsd_angle.label_alt_id_2 
_pdbx_validate_rmsd_angle.auth_atom_id_3 
_pdbx_validate_rmsd_angle.auth_asym_id_3 
_pdbx_validate_rmsd_angle.auth_comp_id_3 
_pdbx_validate_rmsd_angle.auth_seq_id_3 
_pdbx_validate_rmsd_angle.PDB_ins_code_3 
_pdbx_validate_rmsd_angle.label_alt_id_3 
_pdbx_validate_rmsd_angle.angle_value 
_pdbx_validate_rmsd_angle.angle_target_value 
_pdbx_validate_rmsd_angle.angle_deviation 
_pdbx_validate_rmsd_angle.angle_standard_deviation 
_pdbx_validate_rmsd_angle.linker_flag 
1 1 OP1   A DG 3  ? ? P     A DG 3  ? ? OP2   A DG 3  ? ? 109.74 119.60 -9.86 1.50 N 
2 1 N3    A DG 3  ? ? C2    A DG 3  ? ? N2    A DG 3  ? ? 115.30 119.90 -4.60 0.70 N 
3 1 "O4'" A DG 5  ? ? "C1'" A DG 5  ? ? "C2'" A DG 5  ? ? 100.35 105.90 -5.55 0.80 N 
4 1 "O4'" A DG 5  ? ? "C1'" A DG 5  ? ? N9    A DG 5  ? ? 102.68 108.00 -5.32 0.70 N 
5 1 "C3'" A DG 5  ? ? "O3'" A DG 5  ? ? P     A SC 6  ? ? 127.26 119.70 7.56  1.20 Y 
6 1 "O4'" B DG 9  ? ? "C1'" B DG 9  ? ? N9    B DG 9  ? ? 115.26 108.30 6.96  0.30 N 
7 1 "C3'" B DG 9  ? ? "O3'" B DG 9  ? ? P     B SC 10 ? ? 128.00 119.70 8.30  1.20 Y 
8 1 "O4'" B DG 11 ? ? "C1'" B DG 11 ? ? "C2'" B DG 11 ? ? 100.79 105.90 -5.11 0.80 N 
# 
_pdbx_validate_chiral.id              1 
_pdbx_validate_chiral.PDB_model_num   1 
_pdbx_validate_chiral.auth_atom_id    "C4'" 
_pdbx_validate_chiral.label_alt_id    ? 
_pdbx_validate_chiral.auth_asym_id    A 
_pdbx_validate_chiral.auth_comp_id    SC 
_pdbx_validate_chiral.auth_seq_id     6 
_pdbx_validate_chiral.PDB_ins_code    ? 
_pdbx_validate_chiral.details         PLANAR 
_pdbx_validate_chiral.omega           . 
# 
loop_
_pdbx_struct_mod_residue.id 
_pdbx_struct_mod_residue.label_asym_id 
_pdbx_struct_mod_residue.label_comp_id 
_pdbx_struct_mod_residue.label_seq_id 
_pdbx_struct_mod_residue.auth_asym_id 
_pdbx_struct_mod_residue.auth_comp_id 
_pdbx_struct_mod_residue.auth_seq_id 
_pdbx_struct_mod_residue.PDB_ins_code 
_pdbx_struct_mod_residue.parent_comp_id 
_pdbx_struct_mod_residue.details 
1 A SC 2 A SC 2  ? DC "2-DEOXY-CYTIDINE-5'-THIOPHOSPHORATE" 
2 A SC 4 A SC 4  ? DC "2-DEOXY-CYTIDINE-5'-THIOPHOSPHORATE" 
3 A SC 6 A SC 6  ? DC "2-DEOXY-CYTIDINE-5'-THIOPHOSPHORATE" 
4 B SC 2 B SC 8  ? DC "2-DEOXY-CYTIDINE-5'-THIOPHOSPHORATE" 
5 B SC 4 B SC 10 ? DC "2-DEOXY-CYTIDINE-5'-THIOPHOSPHORATE" 
6 B SC 6 B SC 12 ? DC "2-DEOXY-CYTIDINE-5'-THIOPHOSPHORATE" 
# 
loop_
_refine_B_iso.class 
_refine_B_iso.details 
_refine_B_iso.treatment 
_refine_B_iso.pdbx_refine_id 
'ALL ATOMS'  TR isotropic 'X-RAY DIFFRACTION' 
'ALL WATERS' TR isotropic 'X-RAY DIFFRACTION' 
# 
loop_
_refine_occupancy.class 
_refine_occupancy.treatment 
_refine_occupancy.pdbx_refine_id 
'ALL ATOMS'  fix 'X-RAY DIFFRACTION' 
'ALL WATERS' fix 'X-RAY DIFFRACTION' 
# 
loop_
_chem_comp_atom.comp_id 
_chem_comp_atom.atom_id 
_chem_comp_atom.type_symbol 
_chem_comp_atom.pdbx_aromatic_flag 
_chem_comp_atom.pdbx_stereo_config 
_chem_comp_atom.pdbx_ordinal 
DG  OP3    O N N 1  
DG  P      P N N 2  
DG  OP1    O N N 3  
DG  OP2    O N N 4  
DG  "O5'"  O N N 5  
DG  "C5'"  C N N 6  
DG  "C4'"  C N R 7  
DG  "O4'"  O N N 8  
DG  "C3'"  C N S 9  
DG  "O3'"  O N N 10 
DG  "C2'"  C N N 11 
DG  "C1'"  C N R 12 
DG  N9     N Y N 13 
DG  C8     C Y N 14 
DG  N7     N Y N 15 
DG  C5     C Y N 16 
DG  C6     C N N 17 
DG  O6     O N N 18 
DG  N1     N N N 19 
DG  C2     C N N 20 
DG  N2     N N N 21 
DG  N3     N N N 22 
DG  C4     C Y N 23 
DG  HOP3   H N N 24 
DG  HOP2   H N N 25 
DG  "H5'"  H N N 26 
DG  "H5''" H N N 27 
DG  "H4'"  H N N 28 
DG  "H3'"  H N N 29 
DG  "HO3'" H N N 30 
DG  "H2'"  H N N 31 
DG  "H2''" H N N 32 
DG  "H1'"  H N N 33 
DG  H8     H N N 34 
DG  H1     H N N 35 
DG  H21    H N N 36 
DG  H22    H N N 37 
HOH O      O N N 38 
HOH H1     H N N 39 
HOH H2     H N N 40 
SC  N1     N N N 41 
SC  C2     C N N 42 
SC  N3     N N N 43 
SC  C4     C N N 44 
SC  C5     C N N 45 
SC  C6     C N N 46 
SC  O2     O N N 47 
SC  N4     N N N 48 
SC  "C1'"  C N R 49 
SC  "C2'"  C N N 50 
SC  "C3'"  C N S 51 
SC  "C4'"  C N R 52 
SC  "O4'"  O N N 53 
SC  "O3'"  O N N 54 
SC  "C5'"  C N N 55 
SC  "O5'"  O N N 56 
SC  P      P N N 57 
SC  OP1    O N N 58 
SC  S2P    S N N 59 
SC  OP3    O N N 60 
SC  H5     H N N 61 
SC  H6     H N N 62 
SC  HN41   H N N 63 
SC  HN42   H N N 64 
SC  "H1'"  H N N 65 
SC  "H2'"  H N N 66 
SC  "H2''" H N N 67 
SC  "H3'"  H N N 68 
SC  "H4'"  H N N 69 
SC  "HO3'" H N N 70 
SC  "H5'"  H N N 71 
SC  "H5''" H N N 72 
SC  HOP1   H N N 73 
SC  HOP3   H N N 74 
# 
loop_
_chem_comp_bond.comp_id 
_chem_comp_bond.atom_id_1 
_chem_comp_bond.atom_id_2 
_chem_comp_bond.value_order 
_chem_comp_bond.pdbx_aromatic_flag 
_chem_comp_bond.pdbx_stereo_config 
_chem_comp_bond.pdbx_ordinal 
DG  OP3   P      sing N N 1  
DG  OP3   HOP3   sing N N 2  
DG  P     OP1    doub N N 3  
DG  P     OP2    sing N N 4  
DG  P     "O5'"  sing N N 5  
DG  OP2   HOP2   sing N N 6  
DG  "O5'" "C5'"  sing N N 7  
DG  "C5'" "C4'"  sing N N 8  
DG  "C5'" "H5'"  sing N N 9  
DG  "C5'" "H5''" sing N N 10 
DG  "C4'" "O4'"  sing N N 11 
DG  "C4'" "C3'"  sing N N 12 
DG  "C4'" "H4'"  sing N N 13 
DG  "O4'" "C1'"  sing N N 14 
DG  "C3'" "O3'"  sing N N 15 
DG  "C3'" "C2'"  sing N N 16 
DG  "C3'" "H3'"  sing N N 17 
DG  "O3'" "HO3'" sing N N 18 
DG  "C2'" "C1'"  sing N N 19 
DG  "C2'" "H2'"  sing N N 20 
DG  "C2'" "H2''" sing N N 21 
DG  "C1'" N9     sing N N 22 
DG  "C1'" "H1'"  sing N N 23 
DG  N9    C8     sing Y N 24 
DG  N9    C4     sing Y N 25 
DG  C8    N7     doub Y N 26 
DG  C8    H8     sing N N 27 
DG  N7    C5     sing Y N 28 
DG  C5    C6     sing N N 29 
DG  C5    C4     doub Y N 30 
DG  C6    O6     doub N N 31 
DG  C6    N1     sing N N 32 
DG  N1    C2     sing N N 33 
DG  N1    H1     sing N N 34 
DG  C2    N2     sing N N 35 
DG  C2    N3     doub N N 36 
DG  N2    H21    sing N N 37 
DG  N2    H22    sing N N 38 
DG  N3    C4     sing N N 39 
HOH O     H1     sing N N 40 
HOH O     H2     sing N N 41 
SC  N1    C2     sing N N 42 
SC  N1    C6     sing N N 43 
SC  N1    "C1'"  sing N N 44 
SC  C2    N3     sing N N 45 
SC  C2    O2     doub N N 46 
SC  N3    C4     doub N N 47 
SC  C4    C5     sing N N 48 
SC  C4    N4     sing N N 49 
SC  C5    C6     doub N N 50 
SC  C5    H5     sing N N 51 
SC  C6    H6     sing N N 52 
SC  N4    HN41   sing N N 53 
SC  N4    HN42   sing N N 54 
SC  "C1'" "C2'"  sing N N 55 
SC  "C1'" "O4'"  sing N N 56 
SC  "C1'" "H1'"  sing N N 57 
SC  "C2'" "C3'"  sing N N 58 
SC  "C2'" "H2'"  sing N N 59 
SC  "C2'" "H2''" sing N N 60 
SC  "C3'" "C4'"  sing N N 61 
SC  "C3'" "O3'"  sing N N 62 
SC  "C3'" "H3'"  sing N N 63 
SC  "C4'" "O4'"  sing N N 64 
SC  "C4'" "C5'"  sing N N 65 
SC  "C4'" "H4'"  sing N N 66 
SC  "O3'" "HO3'" sing N N 67 
SC  "C5'" "O5'"  sing N N 68 
SC  "C5'" "H5'"  sing N N 69 
SC  "C5'" "H5''" sing N N 70 
SC  "O5'" P      sing N N 71 
SC  P     OP1    sing N N 72 
SC  P     S2P    doub N N 73 
SC  P     OP3    sing N N 74 
SC  OP1   HOP1   sing N N 75 
SC  OP3   HOP3   sing N N 76 
# 
_ndb_struct_conf_na.entry_id   1D97 
_ndb_struct_conf_na.feature    'b-form double helix' 
# 
loop_
_ndb_struct_na_base_pair.model_number 
_ndb_struct_na_base_pair.i_label_asym_id 
_ndb_struct_na_base_pair.i_label_comp_id 
_ndb_struct_na_base_pair.i_label_seq_id 
_ndb_struct_na_base_pair.i_symmetry 
_ndb_struct_na_base_pair.j_label_asym_id 
_ndb_struct_na_base_pair.j_label_comp_id 
_ndb_struct_na_base_pair.j_label_seq_id 
_ndb_struct_na_base_pair.j_symmetry 
_ndb_struct_na_base_pair.shear 
_ndb_struct_na_base_pair.stretch 
_ndb_struct_na_base_pair.stagger 
_ndb_struct_na_base_pair.buckle 
_ndb_struct_na_base_pair.propeller 
_ndb_struct_na_base_pair.opening 
_ndb_struct_na_base_pair.pair_number 
_ndb_struct_na_base_pair.pair_name 
_ndb_struct_na_base_pair.i_auth_asym_id 
_ndb_struct_na_base_pair.i_auth_seq_id 
_ndb_struct_na_base_pair.i_PDB_ins_code 
_ndb_struct_na_base_pair.j_auth_asym_id 
_ndb_struct_na_base_pair.j_auth_seq_id 
_ndb_struct_na_base_pair.j_PDB_ins_code 
_ndb_struct_na_base_pair.hbond_type_28 
_ndb_struct_na_base_pair.hbond_type_12 
1 A DG 1 1_555 B SC 6 1_555 -0.350 -0.012 0.370 4.136  -9.904  -1.113 1 A_DG1:SC12_B A 1 ? B 12 ? 19 1 
1 A SC 2 1_555 B DG 5 1_555 -0.254 -0.293 0.109 -4.777 3.557   -2.486 2 A_SC2:DG11_B A 2 ? B 11 ? 19 1 
1 A DG 3 1_555 B SC 4 1_555 0.248  -0.226 0.412 3.446  -13.676 -5.981 3 A_DG3:SC10_B A 3 ? B 10 ? 19 1 
1 A SC 4 1_555 B DG 3 1_555 0.387  -0.288 0.204 0.564  -8.339  -1.847 4 A_SC4:DG9_B  A 4 ? B 9  ? 19 1 
1 A DG 5 1_555 B SC 2 1_555 0.000  -0.164 0.152 1.859  -9.318  0.687  5 A_DG5:SC8_B  A 5 ? B 8  ? 19 1 
1 A SC 6 1_555 B DG 1 1_555 -0.119 -0.231 0.324 -7.715 -5.203  0.040  6 A_SC6:DG7_B  A 6 ? B 7  ? 19 1 
# 
loop_
_ndb_struct_na_base_pair_step.model_number 
_ndb_struct_na_base_pair_step.i_label_asym_id_1 
_ndb_struct_na_base_pair_step.i_label_comp_id_1 
_ndb_struct_na_base_pair_step.i_label_seq_id_1 
_ndb_struct_na_base_pair_step.i_symmetry_1 
_ndb_struct_na_base_pair_step.j_label_asym_id_1 
_ndb_struct_na_base_pair_step.j_label_comp_id_1 
_ndb_struct_na_base_pair_step.j_label_seq_id_1 
_ndb_struct_na_base_pair_step.j_symmetry_1 
_ndb_struct_na_base_pair_step.i_label_asym_id_2 
_ndb_struct_na_base_pair_step.i_label_comp_id_2 
_ndb_struct_na_base_pair_step.i_label_seq_id_2 
_ndb_struct_na_base_pair_step.i_symmetry_2 
_ndb_struct_na_base_pair_step.j_label_asym_id_2 
_ndb_struct_na_base_pair_step.j_label_comp_id_2 
_ndb_struct_na_base_pair_step.j_label_seq_id_2 
_ndb_struct_na_base_pair_step.j_symmetry_2 
_ndb_struct_na_base_pair_step.shift 
_ndb_struct_na_base_pair_step.slide 
_ndb_struct_na_base_pair_step.rise 
_ndb_struct_na_base_pair_step.tilt 
_ndb_struct_na_base_pair_step.roll 
_ndb_struct_na_base_pair_step.twist 
_ndb_struct_na_base_pair_step.x_displacement 
_ndb_struct_na_base_pair_step.y_displacement 
_ndb_struct_na_base_pair_step.helical_rise 
_ndb_struct_na_base_pair_step.inclination 
_ndb_struct_na_base_pair_step.tip 
_ndb_struct_na_base_pair_step.helical_twist 
_ndb_struct_na_base_pair_step.step_number 
_ndb_struct_na_base_pair_step.step_name 
_ndb_struct_na_base_pair_step.i_auth_asym_id_1 
_ndb_struct_na_base_pair_step.i_auth_seq_id_1 
_ndb_struct_na_base_pair_step.i_PDB_ins_code_1 
_ndb_struct_na_base_pair_step.j_auth_asym_id_1 
_ndb_struct_na_base_pair_step.j_auth_seq_id_1 
_ndb_struct_na_base_pair_step.j_PDB_ins_code_1 
_ndb_struct_na_base_pair_step.i_auth_asym_id_2 
_ndb_struct_na_base_pair_step.i_auth_seq_id_2 
_ndb_struct_na_base_pair_step.i_PDB_ins_code_2 
_ndb_struct_na_base_pair_step.j_auth_asym_id_2 
_ndb_struct_na_base_pair_step.j_auth_seq_id_2 
_ndb_struct_na_base_pair_step.j_PDB_ins_code_2 
1 A DG 1 1_555 B SC 6 1_555 A SC 2 1_555 B DG 5 1_555 0.900  0.360  3.665 2.722  1.401  37.179 0.352  -0.999 3.730 2.193  -4.261 
37.300 1 AA_DG1SC2:DG11SC12_BB A 1 ? B 12 ? A 2 ? B 11 ? 
1 A SC 2 1_555 B DG 5 1_555 A DG 3 1_555 B SC 4 1_555 -1.200 0.896  3.291 -3.633 -2.006 36.170 1.718  1.408  3.339 -3.218 5.828  
36.399 2 AA_SC2DG3:SC10DG11_BB A 2 ? B 11 ? A 3 ? B 10 ? 
1 A DG 3 1_555 B SC 4 1_555 A SC 4 1_555 B DG 3 1_555 0.980  0.692  3.495 4.137  -1.523 38.351 1.250  -0.931 3.549 -2.309 -6.273 
38.594 3 AA_DG3SC4:DG9SC10_BB  A 3 ? B 10 ? A 4 ? B 9  ? 
1 A SC 4 1_555 B DG 3 1_555 A DG 5 1_555 B SC 2 1_555 -0.895 0.546  3.388 -1.547 -0.990 31.410 1.200  1.350  3.408 -1.827 2.854  
31.463 4 AA_SC4DG5:SC8DG9_BB   A 4 ? B 9  ? A 5 ? B 8  ? 
1 A DG 5 1_555 B SC 2 1_555 A SC 6 1_555 B DG 1 1_555 1.196  -0.382 3.590 -1.550 -0.931 37.141 -0.464 -2.101 3.547 -1.461 2.432  
37.184 5 AA_DG5SC6:DG7SC8_BB   A 5 ? B 8  ? A 6 ? B 7  ? 
# 
_atom_sites.entry_id                    1D97 
_atom_sites.fract_transf_matrix[1][1]   -0.02464091 
_atom_sites.fract_transf_matrix[1][2]   -0.01398659 
_atom_sites.fract_transf_matrix[1][3]   -0.00426562 
_atom_sites.fract_transf_matrix[2][1]   0.00092368 
_atom_sites.fract_transf_matrix[2][2]   -0.00892134 
_atom_sites.fract_transf_matrix[2][3]   0.02391655 
_atom_sites.fract_transf_matrix[3][1]   -0.02466352 
_atom_sites.fract_transf_matrix[3][2]   0.03875196 
_atom_sites.fract_transf_matrix[3][3]   0.01540777 
_atom_sites.fract_transf_vector[1]      0.000646 
_atom_sites.fract_transf_vector[2]      0.106296 
_atom_sites.fract_transf_vector[3]      0.239586 
# 
loop_
_atom_type.symbol 
C 
N 
O 
P 
S 
# 
loop_
_atom_site.group_PDB 
_atom_site.id 
_atom_site.type_symbol 
_atom_site.label_atom_id 
_atom_site.label_alt_id 
_atom_site.label_comp_id 
_atom_site.label_asym_id 
_atom_site.label_entity_id 
_atom_site.label_seq_id 
_atom_site.pdbx_PDB_ins_code 
_atom_site.Cartn_x 
_atom_site.Cartn_y 
_atom_site.Cartn_z 
_atom_site.occupancy 
_atom_site.B_iso_or_equiv 
_atom_site.pdbx_formal_charge 
_atom_site.auth_seq_id 
_atom_site.auth_comp_id 
_atom_site.auth_asym_id 
_atom_site.auth_atom_id 
_atom_site.pdbx_PDB_model_num 
ATOM   1   O "O5'" . DG  A 1 1 ? -1.590  14.275  -4.444  1.00 10.00 ? 1  DG  A "O5'" 1 
ATOM   2   C "C5'" . DG  A 1 1 ? -1.934  13.044  -3.786  1.00 10.00 ? 1  DG  A "C5'" 1 
ATOM   3   C "C4'" . DG  A 1 1 ? -0.685  12.539  -3.128  1.00 10.00 ? 1  DG  A "C4'" 1 
ATOM   4   O "O4'" . DG  A 1 1 ? -0.981  11.733  -1.971  1.00 10.00 ? 1  DG  A "O4'" 1 
ATOM   5   C "C3'" . DG  A 1 1 ? 0.321   11.759  -3.968  1.00 10.00 ? 1  DG  A "C3'" 1 
ATOM   6   O "O3'" . DG  A 1 1 ? 1.651   12.109  -3.542  1.00 10.00 ? 1  DG  A "O3'" 1 
ATOM   7   C "C2'" . DG  A 1 1 ? -0.113  10.329  -3.669  1.00 10.00 ? 1  DG  A "C2'" 1 
ATOM   8   C "C1'" . DG  A 1 1 ? -0.598  10.378  -2.244  1.00 10.00 ? 1  DG  A "C1'" 1 
ATOM   9   N N9    . DG  A 1 1 ? -1.776  9.575   -1.879  1.00 10.00 ? 1  DG  A N9    1 
ATOM   10  C C8    . DG  A 1 1 ? -2.858  9.203   -2.641  1.00 10.00 ? 1  DG  A C8    1 
ATOM   11  N N7    . DG  A 1 1 ? -3.720  8.501   -1.991  1.00 10.00 ? 1  DG  A N7    1 
ATOM   12  C C5    . DG  A 1 1 ? -3.210  8.377   -0.706  1.00 10.00 ? 1  DG  A C5    1 
ATOM   13  C C6    . DG  A 1 1 ? -3.713  7.717   0.421   1.00 10.00 ? 1  DG  A C6    1 
ATOM   14  O O6    . DG  A 1 1 ? -4.777  7.069   0.534   1.00 10.00 ? 1  DG  A O6    1 
ATOM   15  N N1    . DG  A 1 1 ? -2.872  7.844   1.544   1.00 10.00 ? 1  DG  A N1    1 
ATOM   16  C C2    . DG  A 1 1 ? -1.671  8.550   1.532   1.00 10.00 ? 1  DG  A C2    1 
ATOM   17  N N2    . DG  A 1 1 ? -1.006  8.560   2.693   1.00 10.00 ? 1  DG  A N2    1 
ATOM   18  N N3    . DG  A 1 1 ? -1.174  9.178   0.467   1.00 10.00 ? 1  DG  A N3    1 
ATOM   19  C C4    . DG  A 1 1 ? -1.996  9.048   -0.612  1.00 10.00 ? 1  DG  A C4    1 
HETATM 20  N N1    . SC  A 1 2 ? 0.849   6.501   -1.450  1.00 10.00 ? 2  SC  A N1    1 
HETATM 21  C C2    . SC  A 1 2 ? 0.083   5.779   -0.519  1.00 10.00 ? 2  SC  A C2    1 
HETATM 22  N N3    . SC  A 1 2 ? -1.157  5.382   -0.895  1.00 10.00 ? 2  SC  A N3    1 
HETATM 23  C C4    . SC  A 1 2 ? -1.634  5.666   -2.100  1.00 10.00 ? 2  SC  A C4    1 
HETATM 24  C C5    . SC  A 1 2 ? -0.867  6.405   -3.067  1.00 10.00 ? 2  SC  A C5    1 
HETATM 25  C C6    . SC  A 1 2 ? 0.350   6.790   -2.703  1.00 10.00 ? 2  SC  A C6    1 
HETATM 26  O O2    . SC  A 1 2 ? 0.567   5.532   0.591   1.00 10.00 ? 2  SC  A O2    1 
HETATM 27  N N4    . SC  A 1 2 ? -2.877  5.230   -2.395  1.00 10.00 ? 2  SC  A N4    1 
HETATM 28  C "C1'" . SC  A 1 2 ? 2.182   6.931   -1.070  1.00 10.00 ? 2  SC  A "C1'" 1 
HETATM 29  C "C2'" . SC  A 1 2 ? 3.254   6.945   -2.176  1.00 10.00 ? 2  SC  A "C2'" 1 
HETATM 30  C "C3'" . SC  A 1 2 ? 4.279   7.853   -1.484  1.00 10.00 ? 2  SC  A "C3'" 1 
HETATM 31  C "C4'" . SC  A 1 2 ? 3.387   8.907   -0.838  1.00 10.00 ? 2  SC  A "C4'" 1 
HETATM 32  O "O4'" . SC  A 1 2 ? 2.077   8.297   -0.694  1.00 10.00 ? 2  SC  A "O4'" 1 
HETATM 33  O "O3'" . SC  A 1 2 ? 5.004   7.095   -0.490  1.00 10.00 ? 2  SC  A "O3'" 1 
HETATM 34  C "C5'" . SC  A 1 2 ? 3.167   10.247  -1.476  1.00 10.00 ? 2  SC  A "C5'" 1 
HETATM 35  O "O5'" . SC  A 1 2 ? 3.204   10.233  -2.888  1.00 10.00 ? 2  SC  A "O5'" 1 
HETATM 36  P P     . SC  A 1 2 ? 2.990   11.349  -4.001  1.00 10.00 ? 2  SC  A P     1 
HETATM 37  O OP1   . SC  A 1 2 ? 4.086   12.323  -4.074  1.00 10.00 ? 2  SC  A OP1   1 
HETATM 38  S S2P   . SC  A 1 2 ? 2.616   10.508  -5.722  1.00 10.00 ? 2  SC  A S2P   1 
ATOM   39  P P     . DG  A 1 3 ? 6.571   7.140   -0.384  1.00 10.00 ? 3  DG  A P     1 
ATOM   40  O OP1   . DG  A 1 3 ? 7.097   8.579   -0.402  1.00 10.00 ? 3  DG  A OP1   1 
ATOM   41  O OP2   . DG  A 1 3 ? 7.253   6.333   -1.467  1.00 10.00 ? 3  DG  A OP2   1 
ATOM   42  O "O5'" . DG  A 1 3 ? 6.990   6.469   0.993   1.00 10.00 ? 3  DG  A "O5'" 1 
ATOM   43  C "C5'" . DG  A 1 3 ? 6.349   6.648   2.256   1.00 10.00 ? 3  DG  A "C5'" 1 
ATOM   44  C "C4'" . DG  A 1 3 ? 5.900   5.331   2.794   1.00 10.00 ? 3  DG  A "C4'" 1 
ATOM   45  O "O4'" . DG  A 1 3 ? 4.631   4.909   2.293   1.00 10.00 ? 3  DG  A "O4'" 1 
ATOM   46  C "C3'" . DG  A 1 3 ? 6.825   4.125   2.759   1.00 10.00 ? 3  DG  A "C3'" 1 
ATOM   47  O "O3'" . DG  A 1 3 ? 6.817   3.561   4.097   1.00 10.00 ? 3  DG  A "O3'" 1 
ATOM   48  C "C2'" . DG  A 1 3 ? 6.165   3.185   1.753   1.00 10.00 ? 3  DG  A "C2'" 1 
ATOM   49  C "C1'" . DG  A 1 3 ? 4.711   3.504   1.936   1.00 10.00 ? 3  DG  A "C1'" 1 
ATOM   50  N N9    . DG  A 1 3 ? 3.832   3.317   0.759   1.00 10.00 ? 3  DG  A N9    1 
ATOM   51  C C8    . DG  A 1 3 ? 4.052   3.680   -0.536  1.00 10.00 ? 3  DG  A C8    1 
ATOM   52  N N7    . DG  A 1 3 ? 3.067   3.363   -1.310  1.00 10.00 ? 3  DG  A N7    1 
ATOM   53  C C5    . DG  A 1 3 ? 2.124   2.759   -0.508  1.00 10.00 ? 3  DG  A C5    1 
ATOM   54  C C6    . DG  A 1 3 ? 0.839   2.219   -0.810  1.00 10.00 ? 3  DG  A C6    1 
ATOM   55  O O6    . DG  A 1 3 ? 0.286   2.182   -1.927  1.00 10.00 ? 3  DG  A O6    1 
ATOM   56  N N1    . DG  A 1 3 ? 0.212   1.690   0.326   1.00 10.00 ? 3  DG  A N1    1 
ATOM   57  C C2    . DG  A 1 3 ? 0.752   1.711   1.567   1.00 10.00 ? 3  DG  A C2    1 
ATOM   58  N N2    . DG  A 1 3 ? 0.057   1.181   2.605   1.00 10.00 ? 3  DG  A N2    1 
ATOM   59  N N3    . DG  A 1 3 ? 1.953   2.210   1.878   1.00 10.00 ? 3  DG  A N3    1 
ATOM   60  C C4    . DG  A 1 3 ? 2.580   2.719   0.785   1.00 10.00 ? 3  DG  A C4    1 
HETATM 61  N N1    . SC  A 1 4 ? 4.835   -0.612  1.538   1.00 10.00 ? 4  SC  A N1    1 
HETATM 62  C C2    . SC  A 1 4 ? 3.616   -0.881  0.886   1.00 10.00 ? 4  SC  A C2    1 
HETATM 63  N N3    . SC  A 1 4 ? 3.509   -0.578  -0.426  1.00 10.00 ? 4  SC  A N3    1 
HETATM 64  C C4    . SC  A 1 4 ? 4.549   -0.033  -1.078  1.00 10.00 ? 4  SC  A C4    1 
HETATM 65  C C5    . SC  A 1 4 ? 5.800   0.239   -0.420  1.00 10.00 ? 4  SC  A C5    1 
HETATM 66  C C6    . SC  A 1 4 ? 5.906   -0.061  0.883   1.00 10.00 ? 4  SC  A C6    1 
HETATM 67  O O2    . SC  A 1 4 ? 2.712   -1.377  1.568   1.00 10.00 ? 4  SC  A O2    1 
HETATM 68  N N4    . SC  A 1 4 ? 4.431   0.259   -2.379  1.00 10.00 ? 4  SC  A N4    1 
HETATM 69  C "C1'" . SC  A 1 4 ? 4.923   -0.941  2.958   1.00 10.00 ? 4  SC  A "C1'" 1 
HETATM 70  C "C2'" . SC  A 1 4 ? 6.254   -1.490  3.418   1.00 10.00 ? 4  SC  A "C2'" 1 
HETATM 71  C "C3'" . SC  A 1 4 ? 6.142   -1.209  4.902   1.00 10.00 ? 4  SC  A "C3'" 1 
HETATM 72  C "C4'" . SC  A 1 4 ? 5.293   0.077   4.976   1.00 10.00 ? 4  SC  A "C4'" 1 
HETATM 73  O "O4'" . SC  A 1 4 ? 4.801   0.302   3.662   1.00 10.00 ? 4  SC  A "O4'" 1 
HETATM 74  O "O3'" . SC  A 1 4 ? 5.376   -2.263  5.513   1.00 10.00 ? 4  SC  A "O3'" 1 
HETATM 75  C "C5'" . SC  A 1 4 ? 6.040   1.300   5.471   1.00 10.00 ? 4  SC  A "C5'" 1 
HETATM 76  O "O5'" . SC  A 1 4 ? 7.352   1.260   4.798   1.00 10.00 ? 4  SC  A "O5'" 1 
HETATM 77  P P     . SC  A 1 4 ? 8.067   2.757   4.710   1.00 10.00 ? 4  SC  A P     1 
HETATM 78  O OP1   . SC  A 1 4 ? 8.372   3.168   6.102   1.00 10.00 ? 4  SC  A OP1   1 
HETATM 79  S S2P   . SC  A 1 4 ? 9.622   2.702   3.530   1.00 10.00 ? 4  SC  A S2P   1 
ATOM   80  P P     . DG  A 1 5 ? 6.053   -3.219  6.615   1.00 10.00 ? 5  DG  A P     1 
ATOM   81  O OP1   . DG  A 1 5 ? 5.969   -2.610  7.961   1.00 10.00 ? 5  DG  A OP1   1 
ATOM   82  O OP2   . DG  A 1 5 ? 7.382   -3.599  6.137   1.00 10.00 ? 5  DG  A OP2   1 
ATOM   83  O "O5'" . DG  A 1 5 ? 4.973   -4.437  6.536   1.00 10.00 ? 5  DG  A "O5'" 1 
ATOM   84  C "C5'" . DG  A 1 5 ? 3.592   -4.079  6.891   1.00 10.00 ? 5  DG  A "C5'" 1 
ATOM   85  C "C4'" . DG  A 1 5 ? 2.677   -4.940  6.066   1.00 10.00 ? 5  DG  A "C4'" 1 
ATOM   86  O "O4'" . DG  A 1 5 ? 2.752   -4.496  4.694   1.00 10.00 ? 5  DG  A "O4'" 1 
ATOM   87  C "C3'" . DG  A 1 5 ? 2.927   -6.446  6.062   1.00 10.00 ? 5  DG  A "C3'" 1 
ATOM   88  O "O3'" . DG  A 1 5 ? 1.696   -7.191  6.037   1.00 10.00 ? 5  DG  A "O3'" 1 
ATOM   89  C "C2'" . DG  A 1 5 ? 3.716   -6.585  4.759   1.00 10.00 ? 5  DG  A "C2'" 1 
ATOM   90  C "C1'" . DG  A 1 5 ? 2.869   -5.689  3.851   1.00 10.00 ? 5  DG  A "C1'" 1 
ATOM   91  N N9    . DG  A 1 5 ? 3.557   -5.168  2.643   1.00 10.00 ? 5  DG  A N9    1 
ATOM   92  C C8    . DG  A 1 5 ? 4.851   -4.719  2.535   1.00 10.00 ? 5  DG  A C8    1 
ATOM   93  N N7    . DG  A 1 5 ? 5.164   -4.300  1.366   1.00 10.00 ? 5  DG  A N7    1 
ATOM   94  C C5    . DG  A 1 5 ? 4.009   -4.474  0.614   1.00 10.00 ? 5  DG  A C5    1 
ATOM   95  C C6    . DG  A 1 5 ? 3.753   -4.195  -0.761  1.00 10.00 ? 5  DG  A C6    1 
ATOM   96  O O6    . DG  A 1 5 ? 4.516   -3.732  -1.600  1.00 10.00 ? 5  DG  A O6    1 
ATOM   97  N N1    . DG  A 1 5 ? 2.466   -4.508  -1.120  1.00 10.00 ? 5  DG  A N1    1 
ATOM   98  C C2    . DG  A 1 5 ? 1.516   -5.046  -0.263  1.00 10.00 ? 5  DG  A C2    1 
ATOM   99  N N2    . DG  A 1 5 ? 0.303   -5.281  -0.836  1.00 10.00 ? 5  DG  A N2    1 
ATOM   100 N N3    . DG  A 1 5 ? 1.734   -5.314  1.020   1.00 10.00 ? 5  DG  A N3    1 
ATOM   101 C C4    . DG  A 1 5 ? 2.996   -5.003  1.388   1.00 10.00 ? 5  DG  A C4    1 
HETATM 102 N N1    . SC  A 1 6 ? 3.044   -8.403  0.649   1.00 10.00 ? 6  SC  A N1    1 
HETATM 103 C C2    . SC  A 1 6 ? 3.160   -8.100  -0.710  1.00 10.00 ? 6  SC  A C2    1 
HETATM 104 N N3    . SC  A 1 6 ? 4.342   -7.622  -1.183  1.00 10.00 ? 6  SC  A N3    1 
HETATM 105 C C4    . SC  A 1 6 ? 5.383   -7.446  -0.343  1.00 10.00 ? 6  SC  A C4    1 
HETATM 106 C C5    . SC  A 1 6 ? 5.272   -7.749  1.033   1.00 10.00 ? 6  SC  A C5    1 
HETATM 107 C C6    . SC  A 1 6 ? 4.119   -8.219  1.500   1.00 10.00 ? 6  SC  A C6    1 
HETATM 108 O O2    . SC  A 1 6 ? 2.178   -8.282  -1.430  1.00 10.00 ? 6  SC  A O2    1 
HETATM 109 N N4    . SC  A 1 6 ? 6.536   -6.964  -0.864  1.00 10.00 ? 6  SC  A N4    1 
HETATM 110 C "C1'" . SC  A 1 6 ? 1.773   -8.919  1.154   1.00 10.00 ? 6  SC  A "C1'" 1 
HETATM 111 C "C2'" . SC  A 1 6 ? 1.573   -10.427 1.180   1.00 10.00 ? 6  SC  A "C2'" 1 
HETATM 112 C "C3'" . SC  A 1 6 ? 0.516   -10.619 2.241   1.00 10.00 ? 6  SC  A "C3'" 1 
HETATM 113 C "C4'" . SC  A 1 6 ? 0.589   -9.361  3.037   1.00 10.00 ? 6  SC  A "C4'" 1 
HETATM 114 O "O4'" . SC  A 1 6 ? 1.593   -8.475  2.514   1.00 10.00 ? 6  SC  A "O4'" 1 
HETATM 115 O "O3'" . SC  A 1 6 ? -0.773  -10.839 1.615   1.00 10.00 ? 6  SC  A "O3'" 1 
HETATM 116 C "C5'" . SC  A 1 6 ? 0.110   -8.993  4.364   1.00 10.00 ? 6  SC  A "C5'" 1 
HETATM 117 O "O5'" . SC  A 1 6 ? 0.939   -9.510  5.394   1.00 10.00 ? 6  SC  A "O5'" 1 
HETATM 118 P P     . SC  A 1 6 ? 1.424   -8.643  6.668   1.00 10.00 ? 6  SC  A P     1 
HETATM 119 O OP1   . SC  A 1 6 ? 0.351   -8.650  7.682   1.00 10.00 ? 6  SC  A OP1   1 
HETATM 120 S S2P   . SC  A 1 6 ? 3.090   -9.421  7.242   1.00 10.00 ? 6  SC  A S2P   1 
ATOM   121 O "O5'" . DG  B 1 1 ? 5.385   -2.636  -10.147 1.00 10.00 ? 7  DG  B "O5'" 1 
ATOM   122 C "C5'" . DG  B 1 1 ? 5.305   -3.711  -11.106 1.00 10.00 ? 7  DG  B "C5'" 1 
ATOM   123 C "C4'" . DG  B 1 1 ? 4.150   -4.581  -10.724 1.00 10.00 ? 7  DG  B "C4'" 1 
ATOM   124 O "O4'" . DG  B 1 1 ? 4.543   -5.579  -9.795  1.00 10.00 ? 7  DG  B "O4'" 1 
ATOM   125 C "C3'" . DG  B 1 1 ? 2.894   -3.915  -10.177 1.00 10.00 ? 7  DG  B "C3'" 1 
ATOM   126 O "O3'" . DG  B 1 1 ? 1.708   -4.470  -10.790 1.00 10.00 ? 7  DG  B "O3'" 1 
ATOM   127 C "C2'" . DG  B 1 1 ? 2.900   -4.248  -8.696  1.00 10.00 ? 7  DG  B "C2'" 1 
ATOM   128 C "C1'" . DG  B 1 1 ? 3.743   -5.502  -8.611  1.00 10.00 ? 7  DG  B "C1'" 1 
ATOM   129 N N9    . DG  B 1 1 ? 4.737   -5.391  -7.492  1.00 10.00 ? 7  DG  B N9    1 
ATOM   130 C C8    . DG  B 1 1 ? 5.976   -4.804  -7.504  1.00 10.00 ? 7  DG  B C8    1 
ATOM   131 N N7    . DG  B 1 1 ? 6.553   -4.914  -6.330  1.00 10.00 ? 7  DG  B N7    1 
ATOM   132 C C5    . DG  B 1 1 ? 5.665   -5.594  -5.534  1.00 10.00 ? 7  DG  B C5    1 
ATOM   133 C C6    . DG  B 1 1 ? 5.765   -5.984  -4.173  1.00 10.00 ? 7  DG  B C6    1 
ATOM   134 O O6    . DG  B 1 1 ? 6.706   -5.789  -3.384  1.00 10.00 ? 7  DG  B O6    1 
ATOM   135 N N1    . DG  B 1 1 ? 4.615   -6.677  -3.747  1.00 10.00 ? 7  DG  B N1    1 
ATOM   136 C C2    . DG  B 1 1 ? 3.533   -6.931  -4.540  1.00 10.00 ? 7  DG  B C2    1 
ATOM   137 N N2    . DG  B 1 1 ? 2.522   -7.599  -3.960  1.00 10.00 ? 7  DG  B N2    1 
ATOM   138 N N3    . DG  B 1 1 ? 3.430   -6.577  -5.810  1.00 10.00 ? 7  DG  B N3    1 
ATOM   139 C C4    . DG  B 1 1 ? 4.528   -5.911  -6.226  1.00 10.00 ? 7  DG  B C4    1 
HETATM 140 N N1    . SC  B 1 2 ? -0.061  -4.376  -5.472  1.00 10.00 ? 8  SC  B N1    1 
HETATM 141 C C2    . SC  B 1 2 ? 0.345   -4.587  -4.149  1.00 10.00 ? 8  SC  B C2    1 
HETATM 142 N N3    . SC  B 1 2 ? 1.538   -4.089  -3.763  1.00 10.00 ? 8  SC  B N3    1 
HETATM 143 C C4    . SC  B 1 2 ? 2.298   -3.420  -4.604  1.00 10.00 ? 8  SC  B C4    1 
HETATM 144 C C5    . SC  B 1 2 ? 1.894   -3.201  -5.967  1.00 10.00 ? 8  SC  B C5    1 
HETATM 145 C C6    . SC  B 1 2 ? 0.716   -3.694  -6.365  1.00 10.00 ? 8  SC  B C6    1 
HETATM 146 O O2    . SC  B 1 2 ? -0.407  -5.236  -3.375  1.00 10.00 ? 8  SC  B O2    1 
HETATM 147 N N4    . SC  B 1 2 ? 3.461   -2.946  -4.184  1.00 10.00 ? 8  SC  B N4    1 
HETATM 148 C "C1'" . SC  B 1 2 ? -1.359  -4.932  -5.926  1.00 10.00 ? 8  SC  B "C1'" 1 
HETATM 149 C "C2'" . SC  B 1 2 ? -2.234  -4.036  -6.767  1.00 10.00 ? 8  SC  B "C2'" 1 
HETATM 150 C "C3'" . SC  B 1 2 ? -2.753  -4.949  -7.874  1.00 10.00 ? 8  SC  B "C3'" 1 
HETATM 151 C "C4'" . SC  B 1 2 ? -1.580  -5.898  -8.118  1.00 10.00 ? 8  SC  B "C4'" 1 
HETATM 152 O "O4'" . SC  B 1 2 ? -0.892  -5.958  -6.879  1.00 10.00 ? 8  SC  B "O4'" 1 
HETATM 153 O "O3'" . SC  B 1 2 ? -3.859  -5.803  -7.476  1.00 10.00 ? 8  SC  B "O3'" 1 
HETATM 154 C "C5'" . SC  B 1 2 ? -0.768  -5.690  -9.367  1.00 10.00 ? 8  SC  B "C5'" 1 
HETATM 155 O "O5'" . SC  B 1 2 ? -0.365  -4.327  -9.503  1.00 10.00 ? 8  SC  B "O5'" 1 
HETATM 156 P P     . SC  B 1 2 ? 0.340   -3.629  -10.707 1.00 10.00 ? 8  SC  B P     1 
HETATM 157 O OP1   . SC  B 1 2 ? -0.275  -3.713  -12.062 1.00 10.00 ? 8  SC  B OP1   1 
HETATM 158 S S2P   . SC  B 1 2 ? 0.672   -1.772  -10.224 1.00 10.00 ? 8  SC  B S2P   1 
ATOM   159 P P     . DG  B 1 3 ? -5.323  -5.082  -7.318  1.00 10.00 ? 9  DG  B P     1 
ATOM   160 O OP1   . DG  B 1 3 ? -6.342  -6.144  -7.328  1.00 10.00 ? 9  DG  B OP1   1 
ATOM   161 O OP2   . DG  B 1 3 ? -5.375  -3.920  -8.225  1.00 10.00 ? 9  DG  B OP2   1 
ATOM   162 O "O5'" . DG  B 1 3 ? -5.153  -4.445  -5.816  1.00 10.00 ? 9  DG  B "O5'" 1 
ATOM   163 C "C5'" . DG  B 1 3 ? -5.128  -5.341  -4.684  1.00 10.00 ? 9  DG  B "C5'" 1 
ATOM   164 C "C4'" . DG  B 1 3 ? -4.987  -4.483  -3.437  1.00 10.00 ? 9  DG  B "C4'" 1 
ATOM   165 O "O4'" . DG  B 1 3 ? -3.597  -4.087  -3.367  1.00 10.00 ? 9  DG  B "O4'" 1 
ATOM   166 C "C3'" . DG  B 1 3 ? -5.853  -3.226  -3.356  1.00 10.00 ? 9  DG  B "C3'" 1 
ATOM   167 O "O3'" . DG  B 1 3 ? -6.353  -2.829  -2.073  1.00 10.00 ? 9  DG  B "O3'" 1 
ATOM   168 C "C2'" . DG  B 1 3 ? -4.826  -2.132  -3.732  1.00 10.00 ? 9  DG  B "C2'" 1 
ATOM   169 C "C1'" . DG  B 1 3 ? -3.586  -2.677  -3.034  1.00 10.00 ? 9  DG  B "C1'" 1 
ATOM   170 N N9    . DG  B 1 3 ? -2.385  -1.956  -3.427  1.00 10.00 ? 9  DG  B N9    1 
ATOM   171 C C8    . DG  B 1 3 ? -2.076  -1.322  -4.623  1.00 10.00 ? 9  DG  B C8    1 
ATOM   172 N N7    . DG  B 1 3 ? -0.884  -0.766  -4.608  1.00 10.00 ? 9  DG  B N7    1 
ATOM   173 C C5    . DG  B 1 3 ? -0.370  -1.016  -3.359  1.00 10.00 ? 9  DG  B C5    1 
ATOM   174 C C6    . DG  B 1 3 ? 0.859   -0.665  -2.773  1.00 10.00 ? 9  DG  B C6    1 
ATOM   175 O O6    . DG  B 1 3 ? 1.812   -0.011  -3.268  1.00 10.00 ? 9  DG  B O6    1 
ATOM   176 N N1    . DG  B 1 3 ? 0.977   -1.139  -1.457  1.00 10.00 ? 9  DG  B N1    1 
ATOM   177 C C2    . DG  B 1 3 ? 0.004   -1.858  -0.810  1.00 10.00 ? 9  DG  B C2    1 
ATOM   178 N N2    . DG  B 1 3 ? 0.228   -2.261  0.457   1.00 10.00 ? 9  DG  B N2    1 
ATOM   179 N N3    . DG  B 1 3 ? -1.157  -2.208  -1.347  1.00 10.00 ? 9  DG  B N3    1 
ATOM   180 C C4    . DG  B 1 3 ? -1.279  -1.751  -2.614  1.00 10.00 ? 9  DG  B C4    1 
HETATM 181 N N1    . SC  B 1 4 ? -4.258  -0.652  0.795   1.00 10.00 ? 10 SC  B N1    1 
HETATM 182 C C2    . SC  B 1 4 ? -2.993  -0.096  1.092   1.00 10.00 ? 10 SC  B C2    1 
HETATM 183 N N3    . SC  B 1 4 ? -2.408  0.697   0.169   1.00 10.00 ? 10 SC  B N3    1 
HETATM 184 C C4    . SC  B 1 4 ? -3.003  0.938   -0.981  1.00 10.00 ? 10 SC  B C4    1 
HETATM 185 C C5    . SC  B 1 4 ? -4.297  0.375   -1.291  1.00 10.00 ? 10 SC  B C5    1 
HETATM 186 C C6    . SC  B 1 4 ? -4.877  -0.402  -0.409  1.00 10.00 ? 10 SC  B C6    1 
HETATM 187 O O2    . SC  B 1 4 ? -2.476  -0.349  2.190   1.00 10.00 ? 10 SC  B O2    1 
HETATM 188 N N4    . SC  B 1 4 ? -2.376  1.748   -1.865  1.00 10.00 ? 10 SC  B N4    1 
HETATM 189 C "C1'" . SC  B 1 4 ? -4.881  -1.516  1.789   1.00 10.00 ? 10 SC  B "C1'" 1 
HETATM 190 C "C2'" . SC  B 1 4 ? -6.326  -1.353  2.190   1.00 10.00 ? 10 SC  B "C2'" 1 
HETATM 191 C "C3'" . SC  B 1 4 ? -6.594  -2.761  2.750   1.00 10.00 ? 10 SC  B "C3'" 1 
HETATM 192 C "C4'" . SC  B 1 4 ? -5.843  -3.666  1.781   1.00 10.00 ? 10 SC  B "C4'" 1 
HETATM 193 O "O4'" . SC  B 1 4 ? -4.813  -2.840  1.163   1.00 10.00 ? 10 SC  B "O4'" 1 
HETATM 194 O "O3'" . SC  B 1 4 ? -6.274  -2.998  4.121   1.00 10.00 ? 10 SC  B "O3'" 1 
HETATM 195 C "C5'" . SC  B 1 4 ? -6.603  -4.255  0.608   1.00 10.00 ? 10 SC  B "C5'" 1 
HETATM 196 O "O5'" . SC  B 1 4 ? -7.458  -3.180  0.139   1.00 10.00 ? 10 SC  B "O5'" 1 
HETATM 197 P P     . SC  B 1 4 ? -7.811  -3.112  -1.444  1.00 10.00 ? 10 SC  B P     1 
HETATM 198 O OP1   . SC  B 1 4 ? -8.228  -4.503  -1.767  1.00 10.00 ? 10 SC  B OP1   1 
HETATM 199 S S2P   . SC  B 1 4 ? -8.952  -1.637  -1.753  1.00 10.00 ? 10 SC  B S2P   1 
ATOM   200 P P     . DG  B 1 5 ? -7.233  -2.584  5.345   1.00 10.00 ? 11 DG  B P     1 
ATOM   201 O OP1   . DG  B 1 5 ? -7.215  -3.723  6.286   1.00 10.00 ? 11 DG  B OP1   1 
ATOM   202 O OP2   . DG  B 1 5 ? -8.562  -2.108  4.855   1.00 10.00 ? 11 DG  B OP2   1 
ATOM   203 O "O5'" . DG  B 1 5 ? -6.579  -1.255  6.003   1.00 10.00 ? 11 DG  B "O5'" 1 
ATOM   204 C "C5'" . DG  B 1 5 ? -5.170  -1.139  6.202   1.00 10.00 ? 11 DG  B "C5'" 1 
ATOM   205 C "C4'" . DG  B 1 5 ? -4.758  0.312   6.242   1.00 10.00 ? 11 DG  B "C4'" 1 
ATOM   206 O "O4'" . DG  B 1 5 ? -4.473  0.818   4.902   1.00 10.00 ? 11 DG  B "O4'" 1 
ATOM   207 C "C3'" . DG  B 1 5 ? -5.727  1.271   6.867   1.00 10.00 ? 11 DG  B "C3'" 1 
ATOM   208 O "O3'" . DG  B 1 5 ? -5.038  2.360   7.573   1.00 10.00 ? 11 DG  B "O3'" 1 
ATOM   209 C "C2'" . DG  B 1 5 ? -6.441  1.773   5.597   1.00 10.00 ? 11 DG  B "C2'" 1 
ATOM   210 C "C1'" . DG  B 1 5 ? -5.199  2.074   4.771   1.00 10.00 ? 11 DG  B "C1'" 1 
ATOM   211 N N9    . DG  B 1 5 ? -5.370  2.407   3.355   1.00 10.00 ? 11 DG  B N9    1 
ATOM   212 C C8    . DG  B 1 5 ? -6.451  2.209   2.533   1.00 10.00 ? 11 DG  B C8    1 
ATOM   213 N N7    . DG  B 1 5 ? -6.265  2.634   1.304   1.00 10.00 ? 11 DG  B N7    1 
ATOM   214 C C5    . DG  B 1 5 ? -4.986  3.150   1.322   1.00 10.00 ? 11 DG  B C5    1 
ATOM   215 C C6    . DG  B 1 5 ? -4.230  3.752   0.280   1.00 10.00 ? 11 DG  B C6    1 
ATOM   216 O O6    . DG  B 1 5 ? -4.551  3.953   -0.892  1.00 10.00 ? 11 DG  B O6    1 
ATOM   217 N N1    . DG  B 1 5 ? -2.952  4.145   0.707   1.00 10.00 ? 11 DG  B N1    1 
ATOM   218 C C2    . DG  B 1 5 ? -2.485  3.968   1.986   1.00 10.00 ? 11 DG  B C2    1 
ATOM   219 N N2    . DG  B 1 5 ? -1.243  4.402   2.255   1.00 10.00 ? 11 DG  B N2    1 
ATOM   220 N N3    . DG  B 1 5 ? -3.181  3.406   2.970   1.00 10.00 ? 11 DG  B N3    1 
ATOM   221 C C4    . DG  B 1 5 ? -4.422  3.022   2.565   1.00 10.00 ? 11 DG  B C4    1 
HETATM 222 N N1    . SC  B 1 6 ? -3.448  5.825   6.266   1.00 10.00 ? 12 SC  B N1    1 
HETATM 223 C C2    . SC  B 1 6 ? -3.079  6.492   5.087   1.00 10.00 ? 12 SC  B C2    1 
HETATM 224 N N3    . SC  B 1 6 ? -3.983  6.587   4.092   1.00 10.00 ? 12 SC  B N3    1 
HETATM 225 C C4    . SC  B 1 6 ? -5.191  6.052   4.223   1.00 10.00 ? 12 SC  B C4    1 
HETATM 226 C C5    . SC  B 1 6 ? -5.597  5.364   5.408   1.00 10.00 ? 12 SC  B C5    1 
HETATM 227 C C6    . SC  B 1 6 ? -4.701  5.277   6.398   1.00 10.00 ? 12 SC  B C6    1 
HETATM 228 O O2    . SC  B 1 6 ? -1.921  6.975   5.026   1.00 10.00 ? 12 SC  B O2    1 
HETATM 229 N N4    . SC  B 1 6 ? -6.069  6.174   3.198   1.00 10.00 ? 12 SC  B N4    1 
HETATM 230 C "C1'" . SC  B 1 6 ? -2.463  5.710   7.359   1.00 10.00 ? 12 SC  B "C1'" 1 
HETATM 231 C "C2'" . SC  B 1 6 ? -2.918  6.123   8.727   1.00 10.00 ? 12 SC  B "C2'" 1 
HETATM 232 C "C3'" . SC  B 1 6 ? -2.045  5.270   9.642   1.00 10.00 ? 12 SC  B "C3'" 1 
HETATM 233 C "C4'" . SC  B 1 6 ? -1.879  3.989   8.845   1.00 10.00 ? 12 SC  B "C4'" 1 
HETATM 234 O "O4'" . SC  B 1 6 ? -2.074  4.310   7.475   1.00 10.00 ? 12 SC  B "O4'" 1 
HETATM 235 O "O3'" . SC  B 1 6 ? -0.730  5.834   9.856   1.00 10.00 ? 12 SC  B "O3'" 1 
HETATM 236 C "C5'" . SC  B 1 6 ? -2.600  2.787   9.335   1.00 10.00 ? 12 SC  B "C5'" 1 
HETATM 237 O "O5'" . SC  B 1 6 ? -3.942  3.157   9.739   1.00 10.00 ? 12 SC  B "O5'" 1 
HETATM 238 P P     . SC  B 1 6 ? -5.181  2.304   9.213   1.00 10.00 ? 12 SC  B P     1 
HETATM 239 O OP1   . SC  B 1 6 ? -5.128  0.886   9.656   1.00 10.00 ? 12 SC  B OP1   1 
HETATM 240 S S2P   . SC  B 1 6 ? -6.861  3.169   9.651   1.00 10.00 ? 12 SC  B S2P   1 
HETATM 241 O O     . HOH C 2 . ? 7.725   2.763   -2.308  1.00 10.00 ? 13 HOH A O     1 
HETATM 242 O O     . HOH C 2 . ? 3.400   3.442   -4.045  1.00 10.00 ? 14 HOH A O     1 
HETATM 243 O O     . HOH C 2 . ? 7.728   -3.126  0.266   1.00 10.00 ? 15 HOH A O     1 
HETATM 244 O O     . HOH C 2 . ? -0.054  -8.740  -1.987  1.00 10.00 ? 17 HOH A O     1 
HETATM 245 O O     . HOH C 2 . ? 1.136   11.377  0.964   1.00 10.00 ? 21 HOH A O     1 
HETATM 246 O O     . HOH C 2 . ? 9.075   -2.290  -2.772  1.00 10.00 ? 25 HOH A O     1 
HETATM 247 O O     . HOH C 2 . ? 1.181   -2.472  4.201   1.00 10.00 ? 27 HOH A O     1 
HETATM 248 O O     . HOH C 2 . ? 0.754   3.664   -3.646  1.00 10.00 ? 29 HOH A O     1 
HETATM 249 O O     . HOH C 2 . ? 8.951   -0.179  3.656   1.00 10.00 ? 30 HOH A O     1 
HETATM 250 O O     . HOH C 2 . ? 6.278   4.608   -3.097  1.00 10.00 ? 34 HOH A O     1 
HETATM 251 O O     . HOH C 2 . ? -1.050  3.587   -5.566  1.00 10.00 ? 35 HOH A O     1 
HETATM 252 O O     . HOH C 2 . ? 1.516   9.424   1.543   1.00 10.00 ? 37 HOH A O     1 
HETATM 253 O O     . HOH C 2 . ? 9.115   -5.223  -0.260  1.00 10.00 ? 38 HOH A O     1 
HETATM 254 O O     . HOH C 2 . ? 0.719   7.996   -5.420  1.00 10.00 ? 41 HOH A O     1 
HETATM 255 O O     . HOH C 2 . ? 0.765   12.165  -6.856  1.00 10.00 ? 43 HOH A O     1 
HETATM 256 O O     . HOH C 2 . ? 6.044   -3.805  10.043  1.00 10.00 ? 44 HOH A O     1 
HETATM 257 O O     . HOH C 2 . ? -5.813  6.363   -3.117  1.00 10.00 ? 45 HOH A O     1 
HETATM 258 O O     . HOH C 2 . ? 2.312   6.515   2.237   1.00 10.00 ? 46 HOH A O     1 
HETATM 259 O O     . HOH C 2 . ? 2.904   10.820  -8.377  1.00 10.00 ? 47 HOH A O     1 
HETATM 260 O O     . HOH C 2 . ? 7.358   4.008   -0.474  1.00 10.00 ? 58 HOH A O     1 
HETATM 261 O O     . HOH C 2 . ? 8.357   0.911   1.819   1.00 10.00 ? 59 HOH A O     1 
HETATM 262 O O     . HOH C 2 . ? 11.126  -0.503  5.115   1.00 10.00 ? 65 HOH A O     1 
HETATM 263 O O     . HOH C 2 . ? -1.831  -8.552  0.230   1.00 10.00 ? 67 HOH A O     1 
HETATM 264 O O     . HOH C 2 . ? -7.623  6.034   -1.272  1.00 10.00 ? 68 HOH A O     1 
HETATM 265 O O     . HOH C 2 . ? 3.762   -1.823  8.687   1.00 10.00 ? 71 HOH A O     1 
HETATM 266 O O     . HOH C 2 . ? -3.171  5.648   -5.443  1.00 10.00 ? 73 HOH A O     1 
HETATM 267 O O     . HOH C 2 . ? 8.221   -0.973  8.414   1.00 10.00 ? 74 HOH A O     1 
HETATM 268 O O     . HOH C 2 . ? 6.924   -6.066  9.370   1.00 10.00 ? 76 HOH A O     1 
HETATM 269 O O     . HOH C 2 . ? 8.244   0.155   -3.744  1.00 10.00 ? 78 HOH A O     1 
HETATM 270 O O     . HOH C 2 . ? 4.121   12.266  -6.463  1.00 10.00 ? 79 HOH A O     1 
HETATM 271 O O     . HOH C 2 . ? -5.351  7.360   -6.242  1.00 10.00 ? 80 HOH A O     1 
HETATM 272 O O     . HOH C 2 . ? 8.472   4.059   -5.201  1.00 10.00 ? 81 HOH A O     1 
HETATM 273 O O     . HOH C 2 . ? 8.315   1.503   -5.618  1.00 10.00 ? 84 HOH A O     1 
HETATM 274 O O     . HOH D 2 . ? -5.593  -1.476  -6.284  1.00 10.00 ? 16 HOH B O     1 
HETATM 275 O O     . HOH D 2 . ? -7.901  -6.829  -2.305  1.00 10.00 ? 18 HOH B O     1 
HETATM 276 O O     . HOH D 2 . ? -1.961  2.524   5.311   1.00 10.00 ? 19 HOH B O     1 
HETATM 277 O O     . HOH D 2 . ? -8.840  5.281   1.504   1.00 10.00 ? 20 HOH B O     1 
HETATM 278 O O     . HOH D 2 . ? -9.539  -0.872  1.172   1.00 10.00 ? 22 HOH B O     1 
HETATM 279 O O     . HOH D 2 . ? 9.204   -3.687  -6.393  1.00 10.00 ? 23 HOH B O     1 
HETATM 280 O O     . HOH D 2 . ? -4.088  2.061   -4.133  1.00 10.00 ? 24 HOH B O     1 
HETATM 281 O O     . HOH D 2 . ? -2.154  -1.889  4.906   1.00 10.00 ? 26 HOH B O     1 
HETATM 282 O O     . HOH D 2 . ? -1.988  -5.317  -11.720 1.00 10.00 ? 28 HOH B O     1 
HETATM 283 O O     . HOH D 2 . ? 0.782   4.722   4.649   1.00 10.00 ? 31 HOH B O     1 
HETATM 284 O O     . HOH D 2 . ? -6.743  -5.838  -10.091 1.00 10.00 ? 32 HOH B O     1 
HETATM 285 O O     . HOH D 2 . ? -5.056  -6.295  4.826   1.00 10.00 ? 33 HOH B O     1 
HETATM 286 O O     . HOH D 2 . ? -7.028  -3.383  -9.269  1.00 10.00 ? 36 HOH B O     1 
HETATM 287 O O     . HOH D 2 . ? -7.331  0.449   -1.142  1.00 10.00 ? 39 HOH B O     1 
HETATM 288 O O     . HOH D 2 . ? -9.048  -3.849  3.220   1.00 10.00 ? 40 HOH B O     1 
HETATM 289 O O     . HOH D 2 . ? -7.955  -6.467  6.617   1.00 10.00 ? 42 HOH B O     1 
HETATM 290 O O     . HOH D 2 . ? -2.667  -3.906  0.326   1.00 10.00 ? 48 HOH B O     1 
HETATM 291 O O     . HOH D 2 . ? -10.463 -3.940  7.259   1.00 10.00 ? 49 HOH B O     1 
HETATM 292 O O     . HOH D 2 . ? -5.464  1.557   -6.587  1.00 10.00 ? 50 HOH B O     1 
HETATM 293 O O     . HOH D 2 . ? -5.315  -6.998  -0.310  1.00 10.00 ? 51 HOH B O     1 
HETATM 294 O O     . HOH D 2 . ? -11.186 -3.242  4.579   1.00 10.00 ? 52 HOH B O     1 
HETATM 295 O O     . HOH D 2 . ? -2.977  0.041   10.040  1.00 10.00 ? 53 HOH B O     1 
HETATM 296 O O     . HOH D 2 . ? -1.656  0.703   7.037   1.00 10.00 ? 54 HOH B O     1 
HETATM 297 O O     . HOH D 2 . ? 6.006   -2.018  -5.747  1.00 10.00 ? 55 HOH B O     1 
HETATM 298 O O     . HOH D 2 . ? -5.640  -4.216  7.614   1.00 10.00 ? 56 HOH B O     1 
HETATM 299 O O     . HOH D 2 . ? -3.952  1.298   11.458  1.00 10.00 ? 57 HOH B O     1 
HETATM 300 O O     . HOH D 2 . ? -11.050 -4.553  -3.701  1.00 10.00 ? 60 HOH B O     1 
HETATM 301 O O     . HOH D 2 . ? -2.992  -5.354  -1.438  1.00 10.00 ? 61 HOH B O     1 
HETATM 302 O O     . HOH D 2 . ? -4.174  -7.320  6.630   1.00 10.00 ? 62 HOH B O     1 
HETATM 303 O O     . HOH D 2 . ? -9.285  -0.133  3.775   1.00 10.00 ? 63 HOH B O     1 
HETATM 304 O O     . HOH D 2 . ? -4.665  -2.350  9.556   1.00 10.00 ? 64 HOH B O     1 
HETATM 305 O O     . HOH D 2 . ? -5.903  -5.621  9.525   1.00 10.00 ? 66 HOH B O     1 
HETATM 306 O O     . HOH D 2 . ? -3.356  -3.785  -11.141 1.00 10.00 ? 69 HOH B O     1 
HETATM 307 O O     . HOH D 2 . ? 0.258   8.009   7.452   1.00 10.00 ? 70 HOH B O     1 
HETATM 308 O O     . HOH D 2 . ? -7.062  -1.280  12.043  1.00 10.00 ? 72 HOH B O     1 
HETATM 309 O O     . HOH D 2 . ? 4.607   -7.771  -9.724  1.00 10.00 ? 75 HOH B O     1 
HETATM 310 O O     . HOH D 2 . ? -9.863  -5.310  1.047   1.00 10.00 ? 77 HOH B O     1 
HETATM 311 O O     . HOH D 2 . ? -7.941  3.319   -0.491  1.00 10.00 ? 82 HOH B O     1 
HETATM 312 O O     . HOH D 2 . ? 2.390   -7.884  -12.048 1.00 10.00 ? 83 HOH B O     1 
# 
